data_8CAP
#
_entry.id   8CAP
#
_cell.length_a   72.835
_cell.length_b   88.222
_cell.length_c   98.047
_cell.angle_alpha   90.000
_cell.angle_beta   90.000
_cell.angle_gamma   90.000
#
_symmetry.space_group_name_H-M   'P 1 21 1'
#
loop_
_entity.id
_entity.type
_entity.pdbx_description
1 polymer 'Putative ferric reductase'
2 non-polymer 'FLAVIN-ADENINE DINUCLEOTIDE'
3 non-polymer [4-[[(4~{E})-4-(furan-2-ylmethylidene)-2,3-dihydro-1~{H}-acridin-9-yl]carbonyl]piperazin-1-yl]-pyridin-2-yl-methanone
#
_entity_poly.entity_id   1
_entity_poly.type   'polypeptide(L)'
_entity_poly.pdbx_seq_one_letter_code
;GSEPTFVVNASLLPSKVLGLQVQRPQSFNYQPGDYLFIKCPGISKFEWHPFTISSAPEMPDVLTLHIRAVGSWTGKLYQL
IREQREEWIRSGSSQSLPGVPVYIDGPYGTPSTHIFESKYAILICAGIGVTPFASILKSILHRNQQNPAKMPLKKVHFYW
LNREQKAFEWFVELLSKIEAEDTNNLFDLNLYLTGAQQKSDMKSSTLFVAMDLMHQETKVDLITGLKSRTKTGRPDWEEI
FKDVAKQHAPDNVEVFFCGPTGLALQLRHLCTKYGFGYRKENF
;
_entity_poly.pdbx_strand_id   A,B,C,E
#
loop_
_chem_comp.id
_chem_comp.type
_chem_comp.name
_chem_comp.formula
FAD non-polymer 'FLAVIN-ADENINE DINUCLEOTIDE' 'C27 H33 N9 O15 P2'
U4O non-polymer [4-[[(4~{E})-4-(furan-2-ylmethylidene)-2,3-dihydro-1~{H}-acridin-9-yl]carbonyl]piperazin-1-yl]-pyridin-2-yl-methanone 'C29 H26 N4 O3'
#
# COMPACT_ATOMS: atom_id res chain seq x y z
N GLU A 3 28.93 -0.57 2.31
CA GLU A 3 29.26 -0.69 3.74
C GLU A 3 30.69 -0.26 4.19
N PRO A 4 31.78 -0.86 3.68
CA PRO A 4 33.12 -0.48 4.20
C PRO A 4 33.65 0.80 3.56
N THR A 5 34.17 1.70 4.40
CA THR A 5 34.56 3.06 3.98
C THR A 5 35.64 3.58 4.91
N PHE A 6 35.87 4.89 4.85
CA PHE A 6 37.01 5.52 5.52
C PHE A 6 36.65 6.95 5.90
N VAL A 7 37.42 7.50 6.82
CA VAL A 7 37.27 8.88 7.28
C VAL A 7 38.32 9.70 6.58
N VAL A 8 37.89 10.61 5.70
CA VAL A 8 38.82 11.26 4.78
C VAL A 8 39.21 12.67 5.21
N ASN A 9 38.84 13.09 6.43
CA ASN A 9 39.33 14.36 6.96
C ASN A 9 38.75 14.47 8.36
N ALA A 10 39.26 15.44 9.12
CA ALA A 10 38.67 15.70 10.42
C ALA A 10 38.61 17.19 10.61
N SER A 11 38.01 17.58 11.71
CA SER A 11 37.98 18.97 12.12
C SER A 11 38.09 18.95 13.62
N LEU A 12 39.06 19.65 14.18
CA LEU A 12 39.16 19.70 15.62
C LEU A 12 38.42 20.96 16.06
N LEU A 13 37.11 20.89 15.91
CA LEU A 13 36.19 21.94 16.23
C LEU A 13 36.11 22.11 17.73
N PRO A 14 35.91 23.33 18.17
CA PRO A 14 35.91 23.62 19.61
C PRO A 14 35.05 22.69 20.45
N SER A 15 35.43 22.64 21.72
CA SER A 15 34.76 21.89 22.77
C SER A 15 34.82 20.40 22.49
N LYS A 16 35.92 19.97 21.91
CA LYS A 16 36.22 18.57 21.65
C LYS A 16 35.36 18.01 20.53
N VAL A 17 34.54 18.84 19.90
CA VAL A 17 33.69 18.39 18.80
C VAL A 17 34.53 17.96 17.62
N LEU A 18 34.07 16.93 16.93
CA LEU A 18 34.75 16.30 15.81
C LEU A 18 33.90 16.34 14.56
N GLY A 19 34.04 17.37 13.73
CA GLY A 19 33.58 17.23 12.36
C GLY A 19 34.30 16.08 11.70
N LEU A 20 33.59 15.36 10.84
CA LEU A 20 34.19 14.22 10.14
C LEU A 20 33.78 14.21 8.67
N GLN A 21 34.59 13.56 7.85
CA GLN A 21 34.32 13.41 6.43
C GLN A 21 34.36 11.92 6.08
N VAL A 22 33.22 11.35 5.66
CA VAL A 22 33.07 9.90 5.43
C VAL A 22 32.71 9.63 3.98
N GLN A 23 33.49 8.77 3.33
CA GLN A 23 33.25 8.42 1.94
C GLN A 23 31.86 7.80 1.77
N ARG A 24 31.00 8.49 1.04
CA ARG A 24 29.64 8.03 0.80
C ARG A 24 29.56 6.90 -0.22
N PRO A 25 29.22 5.68 0.20
CA PRO A 25 29.15 4.56 -0.75
C PRO A 25 28.14 4.81 -1.85
N GLN A 26 28.42 4.25 -3.03
CA GLN A 26 27.54 4.50 -4.17
C GLN A 26 26.13 3.96 -3.92
N SER A 27 25.98 2.95 -3.05
CA SER A 27 24.67 2.42 -2.67
C SER A 27 23.99 3.21 -1.57
N PHE A 28 24.70 4.16 -0.94
CA PHE A 28 24.21 4.87 0.24
C PHE A 28 23.58 6.18 -0.16
N ASN A 29 22.24 6.21 -0.16
CA ASN A 29 21.49 7.40 -0.50
C ASN A 29 20.50 7.64 0.64
N TYR A 30 20.60 8.80 1.26
CA TYR A 30 19.87 9.16 2.48
C TYR A 30 19.05 10.42 2.25
N GLN A 31 18.14 10.66 3.16
CA GLN A 31 17.36 11.90 3.19
C GLN A 31 17.92 12.81 4.28
N PRO A 32 17.41 14.03 4.40
CA PRO A 32 17.92 14.93 5.43
C PRO A 32 17.42 14.53 6.82
N GLY A 33 18.27 14.75 7.81
CA GLY A 33 17.99 14.32 9.16
C GLY A 33 18.26 12.86 9.42
N ASP A 34 18.52 12.06 8.39
CA ASP A 34 18.81 10.65 8.60
C ASP A 34 20.06 10.46 9.46
N TYR A 35 20.08 9.35 10.18
CA TYR A 35 21.15 9.04 11.10
C TYR A 35 21.80 7.73 10.68
N LEU A 36 22.85 7.41 11.41
CA LEU A 36 23.80 6.37 11.05
C LEU A 36 24.12 5.54 12.27
N PHE A 37 24.52 4.31 12.01
CA PHE A 37 25.25 3.54 12.99
C PHE A 37 26.65 3.36 12.41
N ILE A 38 27.68 3.64 13.22
CA ILE A 38 29.06 3.57 12.75
C ILE A 38 29.89 2.66 13.67
N LYS A 39 30.75 1.85 13.04
CA LYS A 39 31.75 1.05 13.75
C LYS A 39 33.13 1.44 13.23
N CYS A 40 33.99 1.97 14.13
CA CYS A 40 35.42 2.19 13.92
C CYS A 40 36.28 1.12 14.58
N PRO A 41 36.63 0.07 13.86
CA PRO A 41 37.41 -1.04 14.46
C PRO A 41 38.59 -0.67 15.37
N GLY A 42 39.34 0.40 15.08
CA GLY A 42 40.50 0.76 15.90
C GLY A 42 40.17 1.35 17.27
N ILE A 43 38.92 1.73 17.49
CA ILE A 43 38.46 2.00 18.85
C ILE A 43 37.82 0.74 19.43
N SER A 44 36.62 0.39 18.98
CA SER A 44 36.02 -0.88 19.37
C SER A 44 35.89 -1.77 18.17
N LYS A 45 36.33 -3.00 18.31
CA LYS A 45 36.06 -3.96 17.27
C LYS A 45 34.60 -4.39 17.26
N PHE A 46 33.84 -4.07 18.33
CA PHE A 46 32.51 -4.64 18.55
C PHE A 46 31.38 -3.63 18.60
N GLU A 47 31.52 -2.52 19.34
CA GLU A 47 30.43 -1.56 19.52
C GLU A 47 30.07 -0.84 18.21
N TRP A 48 28.79 -0.49 18.04
CA TRP A 48 28.31 0.47 17.05
C TRP A 48 27.68 1.63 17.78
N HIS A 49 27.74 2.80 17.19
CA HIS A 49 27.22 3.99 17.83
C HIS A 49 26.50 4.84 16.79
N PRO A 50 25.57 5.64 17.24
CA PRO A 50 24.65 6.28 16.29
C PRO A 50 24.82 7.78 16.24
N PHE A 51 24.88 8.31 15.02
CA PHE A 51 25.06 9.74 14.85
C PHE A 51 24.14 10.21 13.74
N THR A 52 23.61 11.41 13.89
CA THR A 52 22.91 12.03 12.78
C THR A 52 23.92 12.49 11.73
N ILE A 53 23.57 12.32 10.47
CA ILE A 53 24.36 12.86 9.37
C ILE A 53 24.08 14.35 9.24
N SER A 54 25.15 15.16 9.23
CA SER A 54 24.97 16.60 9.21
C SER A 54 25.17 17.21 7.82
N SER A 55 25.18 16.39 6.78
CA SER A 55 25.40 16.85 5.42
C SER A 55 24.17 16.58 4.59
N ALA A 56 23.63 17.60 3.89
CA ALA A 56 22.49 17.32 3.02
C ALA A 56 22.88 16.24 2.02
N PRO A 57 21.93 15.46 1.52
CA PRO A 57 22.30 14.39 0.58
C PRO A 57 22.61 14.93 -0.81
N GLU A 58 22.52 16.25 -0.97
CA GLU A 58 23.02 16.92 -2.15
C GLU A 58 24.54 16.92 -2.20
N MET A 59 25.19 17.02 -1.03
CA MET A 59 26.63 16.88 -0.96
C MET A 59 27.05 15.59 -1.67
N PRO A 60 28.15 15.60 -2.43
CA PRO A 60 28.35 14.56 -3.45
C PRO A 60 28.73 13.23 -2.86
N ASP A 61 29.98 13.14 -2.45
CA ASP A 61 30.58 11.87 -2.09
C ASP A 61 31.30 11.99 -0.75
N VAL A 62 30.72 12.74 0.18
CA VAL A 62 31.03 12.60 1.60
C VAL A 62 29.75 12.68 2.44
N LEU A 63 29.92 12.29 3.70
CA LEU A 63 28.95 12.49 4.75
C LEU A 63 29.70 13.19 5.87
N THR A 64 29.15 14.24 6.43
CA THR A 64 29.83 14.87 7.55
C THR A 64 29.07 14.54 8.83
N LEU A 65 29.81 14.11 9.86
CA LEU A 65 29.28 13.75 11.17
C LEU A 65 29.93 14.63 12.22
N HIS A 66 29.17 15.48 12.87
CA HIS A 66 29.73 16.33 13.91
C HIS A 66 29.59 15.62 15.26
N ILE A 67 30.64 14.92 15.67
CA ILE A 67 30.65 14.11 16.88
C ILE A 67 31.15 14.92 18.08
N ARG A 68 30.61 14.68 19.26
CA ARG A 68 31.14 15.26 20.48
C ARG A 68 31.72 14.15 21.34
N ALA A 69 32.98 14.28 21.74
CA ALA A 69 33.54 13.34 22.71
C ALA A 69 32.89 13.63 24.04
N VAL A 70 32.00 12.72 24.47
CA VAL A 70 31.27 12.84 25.71
C VAL A 70 31.50 11.67 26.66
N GLY A 71 32.09 10.58 26.18
CA GLY A 71 32.32 9.36 26.95
C GLY A 71 33.27 8.47 26.18
N SER A 72 33.40 7.22 26.62
CA SER A 72 34.50 6.35 26.15
C SER A 72 34.69 6.41 24.64
N TRP A 73 33.91 5.66 23.88
CA TRP A 73 34.16 5.51 22.45
C TRP A 73 34.31 6.84 21.71
N THR A 74 33.59 7.88 22.13
CA THR A 74 33.74 9.19 21.46
C THR A 74 35.04 9.89 21.85
N GLY A 75 35.50 9.69 23.10
CA GLY A 75 36.81 10.19 23.50
C GLY A 75 37.92 9.44 22.82
N LYS A 76 37.91 8.10 22.93
CA LYS A 76 38.84 7.26 22.18
C LYS A 76 38.80 7.62 20.71
N LEU A 77 37.64 8.00 20.23
CA LEU A 77 37.53 8.42 18.85
C LEU A 77 38.30 9.71 18.63
N TYR A 78 38.03 10.72 19.45
CA TYR A 78 38.74 11.98 19.34
C TYR A 78 40.25 11.75 19.33
N GLN A 79 40.74 10.86 20.20
CA GLN A 79 42.17 10.66 20.33
C GLN A 79 42.76 10.07 19.06
N LEU A 80 42.26 8.90 18.64
CA LEU A 80 42.67 8.36 17.35
C LEU A 80 42.56 9.41 16.25
N ILE A 81 42.21 10.66 16.54
CA ILE A 81 42.25 11.67 15.50
C ILE A 81 43.31 12.72 15.82
N ARG A 82 43.19 13.41 16.98
CA ARG A 82 44.22 14.39 17.33
C ARG A 82 45.59 13.76 17.24
N GLU A 83 45.77 12.60 17.87
CA GLU A 83 47.05 11.92 17.73
C GLU A 83 47.30 11.52 16.29
N GLN A 84 46.28 11.02 15.59
CA GLN A 84 46.51 10.75 14.17
C GLN A 84 46.76 12.03 13.39
N ARG A 85 46.17 13.15 13.79
CA ARG A 85 46.48 14.37 13.07
C ARG A 85 47.78 14.99 13.58
N GLU A 86 47.95 15.12 14.90
CA GLU A 86 49.17 15.73 15.43
C GLU A 86 50.44 14.97 15.07
N GLU A 87 50.33 13.88 14.35
CA GLU A 87 51.52 13.21 13.87
C GLU A 87 51.55 13.40 12.40
N TRP A 88 51.14 14.58 11.95
CA TRP A 88 51.27 14.89 10.54
C TRP A 88 51.56 16.33 10.54
N ILE A 89 51.94 16.82 11.71
CA ILE A 89 52.30 18.19 11.82
C ILE A 89 53.70 18.35 12.39
N ARG A 90 54.09 17.53 13.37
CA ARG A 90 55.41 17.57 13.96
C ARG A 90 56.11 16.43 13.35
N SER A 91 55.57 15.99 12.24
CA SER A 91 56.15 14.89 11.50
C SER A 91 55.92 15.20 10.05
N GLY A 92 54.66 15.38 9.68
CA GLY A 92 54.36 15.76 8.32
C GLY A 92 54.91 14.96 7.19
N SER A 93 54.84 13.64 7.23
CA SER A 93 55.27 12.83 6.09
C SER A 93 54.17 12.97 5.05
N SER A 94 54.22 14.00 4.21
CA SER A 94 53.11 14.27 3.30
C SER A 94 52.98 13.62 1.94
N GLN A 95 52.80 12.29 1.90
CA GLN A 95 52.54 11.63 0.62
C GLN A 95 51.10 11.98 0.37
N SER A 96 50.20 11.41 1.15
CA SER A 96 48.77 11.76 1.08
C SER A 96 48.29 11.23 2.40
N LEU A 97 47.13 11.68 2.83
CA LEU A 97 46.66 11.29 4.14
C LEU A 97 46.13 9.91 4.06
N PRO A 98 46.22 9.17 5.16
CA PRO A 98 45.57 7.87 5.09
C PRO A 98 44.16 7.98 5.60
N GLY A 99 43.40 6.89 5.59
CA GLY A 99 42.01 6.94 6.01
C GLY A 99 41.68 6.01 7.15
N VAL A 100 40.75 6.39 8.02
CA VAL A 100 40.48 5.59 9.17
C VAL A 100 39.37 4.65 8.80
N PRO A 101 39.64 3.33 8.71
CA PRO A 101 38.57 2.47 8.26
C PRO A 101 37.41 2.45 9.22
N VAL A 102 36.21 2.66 8.71
CA VAL A 102 35.00 2.69 9.53
C VAL A 102 33.88 2.01 8.75
N TYR A 103 32.98 1.33 9.48
CA TYR A 103 31.79 0.71 8.92
C TYR A 103 30.57 1.61 9.17
N ILE A 104 29.60 1.56 8.28
CA ILE A 104 28.42 2.41 8.45
C ILE A 104 27.17 1.62 8.14
N ASP A 105 26.12 1.94 8.88
CA ASP A 105 24.87 1.20 8.80
C ASP A 105 23.72 2.18 8.74
N GLY A 106 22.91 2.06 7.68
CA GLY A 106 21.81 2.96 7.47
C GLY A 106 21.45 2.93 6.01
N PRO A 107 20.69 3.93 5.55
CA PRO A 107 20.23 4.98 6.47
C PRO A 107 18.90 4.65 7.15
N TYR A 108 18.70 5.31 8.30
CA TYR A 108 17.52 5.20 9.12
C TYR A 108 16.77 6.52 9.04
N GLY A 109 15.44 6.46 8.89
CA GLY A 109 14.68 7.64 8.54
C GLY A 109 14.10 8.41 9.72
N THR A 110 13.69 9.63 9.42
CA THR A 110 12.99 10.56 10.30
C THR A 110 11.80 11.15 9.57
N PRO A 111 10.80 11.63 10.30
CA PRO A 111 9.67 12.32 9.67
C PRO A 111 10.04 13.68 9.10
N SER A 112 11.34 14.00 9.13
CA SER A 112 11.76 15.28 8.58
C SER A 112 11.44 15.37 7.10
N THR A 113 11.45 14.25 6.38
CA THR A 113 11.22 14.32 4.96
C THR A 113 9.90 15.01 4.63
N HIS A 114 8.96 15.07 5.59
CA HIS A 114 7.71 15.81 5.44
C HIS A 114 7.86 17.32 5.50
N ILE A 115 9.00 17.84 5.97
CA ILE A 115 9.11 19.29 5.93
C ILE A 115 9.12 19.75 4.50
N PHE A 116 9.77 18.98 3.61
CA PHE A 116 9.87 19.40 2.22
C PHE A 116 8.56 19.35 1.48
N GLU A 117 7.53 18.80 2.07
CA GLU A 117 6.27 18.67 1.39
C GLU A 117 5.25 19.71 1.84
N SER A 118 5.54 20.45 2.90
CA SER A 118 4.58 21.35 3.51
C SER A 118 4.85 22.78 3.08
N LYS A 119 3.80 23.60 3.12
CA LYS A 119 3.90 24.95 2.60
C LYS A 119 4.65 25.87 3.56
N TYR A 120 4.14 25.99 4.78
CA TYR A 120 4.85 26.70 5.83
C TYR A 120 5.25 25.69 6.89
N ALA A 121 6.04 26.11 7.87
CA ALA A 121 6.74 25.12 8.68
C ALA A 121 7.43 25.78 9.85
N ILE A 122 7.17 25.27 11.05
CA ILE A 122 7.88 25.69 12.23
C ILE A 122 8.75 24.54 12.71
N LEU A 123 10.06 24.78 12.69
CA LEU A 123 11.07 23.83 13.17
C LEU A 123 11.65 24.36 14.46
N ILE A 124 11.52 23.56 15.51
CA ILE A 124 11.94 23.96 16.84
C ILE A 124 12.88 22.91 17.39
N CYS A 125 14.11 23.33 17.72
CA CYS A 125 15.05 22.45 18.41
C CYS A 125 15.29 23.02 19.81
N ALA A 126 14.82 22.31 20.83
CA ALA A 126 15.19 22.60 22.21
C ALA A 126 16.23 21.60 22.63
N GLY A 127 17.35 22.11 23.12
CA GLY A 127 18.42 21.24 23.52
C GLY A 127 19.54 21.15 22.49
N ILE A 128 19.98 19.92 22.23
CA ILE A 128 21.24 19.72 21.51
C ILE A 128 21.03 18.67 20.44
N GLY A 129 19.78 18.32 20.16
CA GLY A 129 19.47 17.49 19.01
C GLY A 129 19.45 18.31 17.74
N VAL A 130 20.43 19.20 17.55
CA VAL A 130 20.47 20.08 16.37
C VAL A 130 21.25 19.47 15.21
N THR A 131 21.90 18.33 15.40
CA THR A 131 22.60 17.71 14.28
C THR A 131 21.68 17.48 13.08
N PRO A 132 20.52 16.81 13.21
CA PRO A 132 19.68 16.63 12.01
C PRO A 132 19.18 17.94 11.42
N PHE A 133 19.00 18.99 12.22
CA PHE A 133 18.50 20.25 11.68
C PHE A 133 19.52 20.97 10.77
N ALA A 134 20.83 20.79 11.00
CA ALA A 134 21.82 21.31 10.07
C ALA A 134 21.72 20.65 8.72
N SER A 135 21.54 19.32 8.68
CA SER A 135 21.34 18.63 7.42
C SER A 135 20.10 19.17 6.72
N ILE A 136 18.96 19.14 7.40
CA ILE A 136 17.71 19.63 6.83
C ILE A 136 17.89 21.01 6.21
N LEU A 137 18.37 21.96 7.01
CA LEU A 137 18.42 23.35 6.57
C LEU A 137 19.36 23.58 5.38
N LYS A 138 20.29 22.66 5.12
CA LYS A 138 21.12 22.79 3.94
C LYS A 138 20.34 22.36 2.70
N SER A 139 19.73 21.17 2.74
CA SER A 139 18.96 20.68 1.61
C SER A 139 17.85 21.64 1.22
N ILE A 140 17.21 22.26 2.21
CA ILE A 140 16.24 23.31 1.90
C ILE A 140 16.90 24.40 1.05
N LEU A 141 18.07 24.89 1.47
CA LEU A 141 18.87 25.78 0.62
C LEU A 141 19.02 25.24 -0.78
N HIS A 142 19.59 24.05 -0.92
CA HIS A 142 19.82 23.54 -2.26
C HIS A 142 18.50 23.40 -3.02
N ARG A 143 17.45 22.84 -2.40
CA ARG A 143 16.21 22.69 -3.16
C ARG A 143 15.64 24.03 -3.59
N ASN A 144 15.68 25.02 -2.70
CA ASN A 144 15.28 26.38 -3.08
C ASN A 144 16.08 26.94 -4.26
N GLN A 145 17.40 26.79 -4.26
CA GLN A 145 18.19 27.26 -5.38
C GLN A 145 17.82 26.49 -6.64
N GLN A 146 18.10 25.18 -6.67
CA GLN A 146 17.94 24.38 -7.89
C GLN A 146 16.57 24.57 -8.50
N ASN A 147 15.51 24.58 -7.68
CA ASN A 147 14.20 24.90 -8.25
C ASN A 147 13.22 25.32 -7.16
N PRO A 148 13.12 26.62 -6.88
CA PRO A 148 12.24 27.07 -5.79
C PRO A 148 10.76 26.97 -6.11
N ALA A 149 10.39 26.79 -7.39
CA ALA A 149 9.00 26.54 -7.70
C ALA A 149 8.64 25.09 -7.43
N LYS A 150 9.59 24.17 -7.69
CA LYS A 150 9.40 22.75 -7.47
C LYS A 150 9.13 22.41 -6.00
N MET A 151 9.41 23.34 -5.08
CA MET A 151 9.39 23.07 -3.65
C MET A 151 8.18 23.72 -2.98
N PRO A 152 7.32 22.94 -2.32
CA PRO A 152 6.18 23.55 -1.63
C PRO A 152 6.62 24.41 -0.47
N LEU A 153 7.65 23.98 0.23
CA LEU A 153 8.14 24.68 1.40
C LEU A 153 8.41 26.14 1.06
N LYS A 154 7.49 27.03 1.44
CA LYS A 154 7.63 28.42 1.08
C LYS A 154 8.13 29.31 2.21
N LYS A 155 8.04 28.88 3.47
CA LYS A 155 8.59 29.68 4.57
C LYS A 155 9.02 28.74 5.68
N VAL A 156 10.27 28.85 6.13
CA VAL A 156 10.78 28.04 7.22
C VAL A 156 11.07 28.92 8.42
N HIS A 157 10.39 28.64 9.53
CA HIS A 157 10.62 29.32 10.80
C HIS A 157 11.45 28.40 11.68
N PHE A 158 12.68 28.80 12.00
CA PHE A 158 13.58 27.99 12.81
C PHE A 158 13.90 28.69 14.12
N TYR A 159 13.51 28.06 15.21
CA TYR A 159 13.68 28.58 16.57
C TYR A 159 14.56 27.61 17.35
N TRP A 160 15.71 28.09 17.87
CA TRP A 160 16.67 27.21 18.52
C TRP A 160 16.97 27.69 19.93
N LEU A 161 16.84 26.77 20.87
CA LEU A 161 17.05 27.02 22.29
C LEU A 161 18.21 26.13 22.74
N ASN A 162 19.31 26.75 23.15
CA ASN A 162 20.41 26.03 23.75
C ASN A 162 20.79 26.80 25.01
N ARG A 163 21.40 26.13 25.98
CA ARG A 163 21.83 26.93 27.12
C ARG A 163 23.26 27.42 26.97
N GLU A 164 24.08 26.73 26.18
CA GLU A 164 25.44 27.21 25.90
C GLU A 164 26.01 26.53 24.66
N GLN A 165 26.66 27.33 23.82
CA GLN A 165 26.88 27.01 22.41
C GLN A 165 28.33 26.71 22.10
N LYS A 166 29.15 26.44 23.12
CA LYS A 166 30.57 26.24 22.90
C LYS A 166 30.81 25.10 21.91
N ALA A 167 30.21 23.95 22.18
CA ALA A 167 30.38 22.83 21.25
C ALA A 167 29.72 23.12 19.89
N PHE A 168 28.82 24.10 19.85
CA PHE A 168 27.97 24.35 18.70
C PHE A 168 28.36 25.61 17.95
N GLU A 169 29.55 26.16 18.18
CA GLU A 169 29.97 27.26 17.34
C GLU A 169 29.98 26.87 15.88
N TRP A 170 30.12 25.58 15.58
CA TRP A 170 30.07 25.19 14.17
C TRP A 170 28.67 25.37 13.60
N PHE A 171 27.63 25.08 14.40
CA PHE A 171 26.25 25.22 13.92
C PHE A 171 25.89 26.69 13.70
N VAL A 172 26.22 27.57 14.66
CA VAL A 172 26.01 29.01 14.48
C VAL A 172 26.55 29.48 13.14
N GLU A 173 27.83 29.24 12.87
CA GLU A 173 28.37 29.60 11.56
C GLU A 173 27.44 29.14 10.45
N LEU A 174 27.09 27.84 10.46
CA LEU A 174 26.29 27.30 9.38
C LEU A 174 25.00 28.07 9.21
N LEU A 175 24.38 28.50 10.31
CA LEU A 175 23.15 29.25 10.17
C LEU A 175 23.40 30.57 9.46
N SER A 176 24.47 31.27 9.88
CA SER A 176 24.84 32.53 9.24
C SER A 176 25.01 32.34 7.74
N LYS A 177 25.70 31.26 7.35
CA LYS A 177 25.80 30.91 5.94
C LYS A 177 24.43 30.82 5.29
N ILE A 178 23.51 30.09 5.92
CA ILE A 178 22.18 29.94 5.34
C ILE A 178 21.52 31.30 5.17
N GLU A 179 21.60 32.16 6.18
CA GLU A 179 21.03 33.50 6.02
C GLU A 179 21.69 34.25 4.87
N ALA A 180 22.96 33.94 4.56
CA ALA A 180 23.62 34.57 3.43
C ALA A 180 23.01 34.14 2.11
N GLU A 181 23.22 32.89 1.73
CA GLU A 181 22.69 32.44 0.46
C GLU A 181 21.17 32.33 0.42
N ASP A 182 20.43 32.69 1.47
CA ASP A 182 18.96 32.67 1.48
C ASP A 182 18.44 33.89 0.74
N THR A 183 18.59 33.84 -0.59
CA THR A 183 18.26 34.99 -1.42
C THR A 183 16.77 35.28 -1.40
N ASN A 184 15.96 34.25 -1.29
CA ASN A 184 14.52 34.42 -1.41
C ASN A 184 13.84 34.67 -0.06
N ASN A 185 14.61 34.90 1.01
CA ASN A 185 14.03 35.11 2.34
C ASN A 185 13.14 33.92 2.72
N LEU A 186 13.59 32.72 2.37
CA LEU A 186 12.83 31.53 2.71
C LEU A 186 12.84 31.27 4.21
N PHE A 187 13.89 31.74 4.91
CA PHE A 187 14.17 31.34 6.28
C PHE A 187 13.93 32.46 7.29
N ASP A 188 13.31 32.11 8.41
CA ASP A 188 13.24 32.95 9.59
C ASP A 188 13.95 32.22 10.73
N LEU A 189 15.23 32.45 10.86
CA LEU A 189 15.98 31.80 11.92
C LEU A 189 15.89 32.64 13.19
N ASN A 190 15.60 31.98 14.29
CA ASN A 190 15.75 32.57 15.60
C ASN A 190 16.54 31.65 16.49
N LEU A 191 17.43 32.26 17.27
CA LEU A 191 18.19 31.60 18.31
C LEU A 191 17.87 32.21 19.66
N TYR A 192 17.78 31.36 20.68
CA TYR A 192 17.56 31.80 22.04
C TYR A 192 18.59 31.13 22.92
N LEU A 193 19.14 31.93 23.85
CA LEU A 193 20.06 31.47 24.88
C LEU A 193 19.39 31.29 26.22
N THR A 194 19.68 30.16 26.83
CA THR A 194 19.08 29.75 28.07
C THR A 194 20.07 29.69 29.21
N SER A 228 25.97 36.97 14.97
CA SER A 228 24.56 36.84 15.29
C SER A 228 24.21 37.38 16.67
N ARG A 229 23.50 38.51 16.67
CA ARG A 229 22.88 39.05 17.88
C ARG A 229 21.56 38.29 18.10
N THR A 230 21.57 37.38 19.08
CA THR A 230 20.49 36.46 19.36
C THR A 230 19.89 36.78 20.72
N LYS A 231 18.84 36.04 21.08
CA LYS A 231 17.90 36.42 22.13
C LYS A 231 18.10 35.61 23.42
N THR A 232 17.95 36.27 24.56
CA THR A 232 18.24 35.66 25.86
C THR A 232 16.95 35.35 26.61
N GLY A 233 16.90 34.21 27.27
CA GLY A 233 15.74 33.86 28.03
C GLY A 233 14.81 32.89 27.31
N ARG A 234 13.67 32.64 27.96
CA ARG A 234 12.68 31.80 27.35
C ARG A 234 11.88 32.62 26.34
N PRO A 235 11.55 32.05 25.17
CA PRO A 235 10.64 32.73 24.24
C PRO A 235 9.18 32.73 24.72
N ASP A 236 8.44 33.77 24.34
CA ASP A 236 6.98 33.81 24.58
C ASP A 236 6.30 33.14 23.39
N TRP A 237 6.10 31.82 23.52
CA TRP A 237 5.56 31.04 22.41
C TRP A 237 4.16 31.49 22.01
N GLU A 238 3.32 31.81 23.00
CA GLU A 238 1.99 32.34 22.72
C GLU A 238 2.01 33.38 21.62
N GLU A 239 3.09 34.17 21.57
CA GLU A 239 3.15 35.26 20.62
C GLU A 239 3.81 34.83 19.31
N ILE A 240 4.85 33.99 19.37
CA ILE A 240 5.47 33.47 18.15
C ILE A 240 4.45 32.74 17.28
N PHE A 241 3.61 31.88 17.91
CA PHE A 241 2.53 31.20 17.18
C PHE A 241 1.44 32.17 16.75
N LYS A 242 1.09 33.12 17.60
CA LYS A 242 0.08 34.11 17.21
C LYS A 242 0.57 34.92 16.01
N ASP A 243 1.89 35.18 15.94
CA ASP A 243 2.49 35.95 14.86
C ASP A 243 2.57 35.14 13.57
N VAL A 244 3.20 33.97 13.60
CA VAL A 244 3.29 33.17 12.39
C VAL A 244 1.91 32.90 11.83
N ALA A 245 0.92 32.67 12.69
CA ALA A 245 -0.45 32.48 12.25
C ALA A 245 -0.85 33.61 11.30
N LYS A 246 -0.81 34.85 11.81
CA LYS A 246 -1.16 36.02 11.00
C LYS A 246 -0.34 36.10 9.71
N GLN A 247 0.96 35.81 9.80
CA GLN A 247 1.81 35.73 8.62
C GLN A 247 1.24 34.85 7.51
N HIS A 248 0.43 33.83 7.84
CA HIS A 248 0.07 32.83 6.84
C HIS A 248 -1.42 32.49 6.78
N ALA A 249 -2.29 33.34 7.30
CA ALA A 249 -3.72 33.08 7.16
C ALA A 249 -4.13 33.16 5.68
N PRO A 250 -5.01 32.26 5.22
CA PRO A 250 -5.62 31.18 6.01
C PRO A 250 -4.95 29.83 5.79
N ASP A 251 -3.75 29.86 5.21
CA ASP A 251 -2.95 28.66 4.92
C ASP A 251 -2.58 27.88 6.17
N ASN A 252 -2.23 26.62 5.96
CA ASN A 252 -1.89 25.76 7.05
C ASN A 252 -0.39 25.78 7.33
N VAL A 253 -0.07 25.78 8.63
CA VAL A 253 1.28 25.70 9.16
C VAL A 253 1.49 24.36 9.82
N GLU A 254 2.70 23.82 9.69
CA GLU A 254 3.10 22.55 10.31
C GLU A 254 4.24 22.77 11.28
N VAL A 255 4.09 22.29 12.51
CA VAL A 255 5.13 22.35 13.53
C VAL A 255 5.93 21.05 13.54
N PHE A 256 7.25 21.20 13.61
CA PHE A 256 8.19 20.09 13.78
C PHE A 256 8.99 20.32 15.05
N PHE A 257 8.56 19.66 16.13
CA PHE A 257 9.18 19.83 17.43
C PHE A 257 10.14 18.70 17.71
N CYS A 258 11.26 19.07 18.36
CA CYS A 258 12.46 18.28 18.60
C CYS A 258 13.02 18.82 19.93
N GLY A 259 12.50 18.28 21.04
CA GLY A 259 12.86 18.76 22.37
C GLY A 259 12.18 17.99 23.49
N PRO A 260 12.10 18.57 24.69
CA PRO A 260 11.53 17.85 25.85
C PRO A 260 10.00 17.80 25.82
N THR A 261 9.47 16.92 26.67
CA THR A 261 8.04 16.64 26.69
C THR A 261 7.24 17.76 27.35
N GLY A 262 7.77 18.43 28.37
CA GLY A 262 6.97 19.49 28.94
C GLY A 262 6.88 20.71 28.09
N LEU A 263 7.83 20.89 27.18
CA LEU A 263 7.66 21.91 26.16
C LEU A 263 6.73 21.40 25.07
N ALA A 264 6.94 20.16 24.61
CA ALA A 264 6.01 19.51 23.68
C ALA A 264 4.55 19.76 24.00
N LEU A 265 4.18 19.68 25.29
CA LEU A 265 2.77 19.85 25.63
C LEU A 265 2.32 21.29 25.44
N GLN A 266 3.11 22.26 25.90
CA GLN A 266 2.75 23.66 25.65
C GLN A 266 2.47 23.91 24.18
N LEU A 267 3.33 23.40 23.30
CA LEU A 267 3.20 23.70 21.88
C LEU A 267 1.96 23.05 21.28
N ARG A 268 1.66 21.81 21.66
CA ARG A 268 0.48 21.14 21.12
C ARG A 268 -0.79 21.92 21.45
N HIS A 269 -0.79 22.60 22.60
CA HIS A 269 -1.93 23.43 22.97
C HIS A 269 -1.94 24.71 22.16
N LEU A 270 -0.75 25.24 21.85
CA LEU A 270 -0.70 26.31 20.87
C LEU A 270 -1.06 25.81 19.46
N CYS A 271 -0.54 24.65 19.04
CA CYS A 271 -0.95 24.11 17.75
C CYS A 271 -2.45 24.07 17.62
N THR A 272 -3.11 23.45 18.61
CA THR A 272 -4.56 23.40 18.67
C THR A 272 -5.21 24.77 18.84
N LYS A 273 -4.49 25.78 19.36
CA LYS A 273 -5.15 27.06 19.59
C LYS A 273 -5.14 27.92 18.34
N TYR A 274 -4.23 27.65 17.43
CA TYR A 274 -4.09 28.35 16.16
C TYR A 274 -4.28 27.38 15.01
N GLY A 275 -4.64 26.15 15.33
CA GLY A 275 -4.92 25.13 14.35
C GLY A 275 -3.73 24.84 13.47
N PHE A 276 -2.59 24.49 14.05
CA PHE A 276 -1.43 24.27 13.19
C PHE A 276 -1.28 22.81 12.76
N GLY A 277 -0.54 22.01 13.51
CA GLY A 277 -0.17 20.72 12.97
C GLY A 277 1.17 20.29 13.53
N TYR A 278 1.17 19.24 14.35
CA TYR A 278 2.25 18.99 15.29
C TYR A 278 2.79 17.58 15.10
N ARG A 279 4.09 17.42 15.31
CA ARG A 279 4.66 16.09 15.46
C ARG A 279 5.96 16.26 16.21
N LYS A 280 6.40 15.21 16.89
CA LYS A 280 7.61 15.27 17.70
C LYS A 280 8.68 14.37 17.12
N GLU A 281 9.80 14.94 16.71
CA GLU A 281 10.99 14.18 16.31
C GLU A 281 11.88 13.89 17.53
N ASN A 282 12.06 12.62 17.86
CA ASN A 282 12.90 12.19 19.02
C ASN A 282 12.41 12.78 20.37
N GLU B 3 -23.82 -15.21 0.95
CA GLU B 3 -23.72 -16.16 -0.15
C GLU B 3 -25.00 -17.00 -0.41
N PRO B 4 -25.37 -17.95 0.47
CA PRO B 4 -26.52 -18.83 0.16
C PRO B 4 -27.82 -18.03 0.18
N THR B 5 -28.54 -18.03 -0.95
CA THR B 5 -29.81 -17.28 -1.08
C THR B 5 -30.78 -18.05 -1.98
N PHE B 6 -31.89 -17.38 -2.34
CA PHE B 6 -33.01 -18.01 -3.05
C PHE B 6 -33.62 -17.04 -4.03
N VAL B 7 -34.22 -17.59 -5.09
CA VAL B 7 -35.01 -16.81 -6.04
C VAL B 7 -36.45 -16.81 -5.52
N VAL B 8 -36.96 -15.64 -5.19
CA VAL B 8 -38.29 -15.61 -4.58
C VAL B 8 -39.40 -15.39 -5.61
N ASN B 9 -39.12 -14.70 -6.71
CA ASN B 9 -40.12 -14.45 -7.73
C ASN B 9 -39.42 -14.30 -9.06
N ALA B 10 -40.20 -14.49 -10.12
CA ALA B 10 -39.69 -14.43 -11.48
C ALA B 10 -40.77 -13.88 -12.37
N SER B 11 -40.35 -13.27 -13.47
CA SER B 11 -41.25 -12.64 -14.43
C SER B 11 -40.91 -13.20 -15.81
N LEU B 12 -41.80 -14.02 -16.37
CA LEU B 12 -41.60 -14.57 -17.71
C LEU B 12 -41.81 -13.48 -18.75
N LEU B 13 -40.70 -12.86 -19.18
CA LEU B 13 -40.65 -11.76 -20.14
C LEU B 13 -40.54 -12.28 -21.56
N PRO B 14 -40.66 -11.39 -22.57
CA PRO B 14 -40.61 -11.83 -23.98
C PRO B 14 -39.25 -12.38 -24.36
N SER B 15 -39.23 -13.09 -25.49
CA SER B 15 -37.99 -13.62 -26.07
C SER B 15 -37.20 -14.54 -25.11
N LYS B 16 -37.91 -15.30 -24.26
CA LYS B 16 -37.31 -16.20 -23.25
C LYS B 16 -36.49 -15.46 -22.21
N VAL B 17 -36.82 -14.21 -21.92
CA VAL B 17 -36.11 -13.47 -20.88
C VAL B 17 -36.81 -13.72 -19.54
N LEU B 18 -36.00 -13.95 -18.50
CA LEU B 18 -36.46 -14.14 -17.13
C LEU B 18 -36.05 -12.94 -16.30
N GLY B 19 -37.01 -12.18 -15.80
CA GLY B 19 -36.69 -11.19 -14.78
C GLY B 19 -36.66 -11.95 -13.48
N LEU B 20 -35.61 -11.77 -12.70
CA LEU B 20 -35.43 -12.58 -11.51
C LEU B 20 -35.50 -11.73 -10.25
N GLN B 21 -36.13 -12.28 -9.22
CA GLN B 21 -36.09 -11.68 -7.90
C GLN B 21 -35.17 -12.53 -7.02
N VAL B 22 -34.17 -11.90 -6.40
CA VAL B 22 -33.17 -12.61 -5.58
C VAL B 22 -33.06 -11.93 -4.21
N GLN B 23 -33.10 -12.74 -3.14
CA GLN B 23 -32.92 -12.22 -1.79
C GLN B 23 -31.54 -11.59 -1.66
N ARG B 24 -31.47 -10.36 -1.15
CA ARG B 24 -30.17 -9.70 -1.03
C ARG B 24 -29.63 -9.93 0.37
N PRO B 25 -28.60 -10.76 0.55
CA PRO B 25 -27.99 -10.88 1.88
C PRO B 25 -27.52 -9.55 2.41
N GLN B 26 -27.69 -9.34 3.72
CA GLN B 26 -27.37 -8.06 4.34
C GLN B 26 -25.88 -7.72 4.23
N SER B 27 -25.03 -8.71 4.04
CA SER B 27 -23.61 -8.45 3.81
C SER B 27 -23.34 -7.93 2.40
N PHE B 28 -24.34 -7.98 1.52
CA PHE B 28 -24.16 -7.77 0.09
C PHE B 28 -24.43 -6.31 -0.27
N ASN B 29 -23.37 -5.53 -0.31
CA ASN B 29 -23.43 -4.14 -0.73
C ASN B 29 -22.76 -3.98 -2.08
N TYR B 30 -23.48 -3.35 -3.03
CA TYR B 30 -23.02 -3.24 -4.40
C TYR B 30 -23.21 -1.83 -4.94
N GLN B 31 -22.59 -1.58 -6.10
CA GLN B 31 -22.71 -0.31 -6.78
C GLN B 31 -23.43 -0.45 -8.13
N PRO B 32 -24.03 0.62 -8.63
CA PRO B 32 -24.89 0.47 -9.81
C PRO B 32 -24.13 -0.08 -11.01
N GLY B 33 -24.72 -1.09 -11.64
CA GLY B 33 -24.12 -1.69 -12.81
C GLY B 33 -23.24 -2.88 -12.51
N ASP B 34 -23.04 -3.21 -11.23
CA ASP B 34 -22.11 -4.27 -10.86
C ASP B 34 -22.66 -5.59 -11.36
N TYR B 35 -21.83 -6.63 -11.34
CA TYR B 35 -22.30 -7.92 -11.85
C TYR B 35 -22.00 -9.02 -10.86
N LEU B 36 -22.53 -10.18 -11.16
CA LEU B 36 -22.65 -11.23 -10.19
C LEU B 36 -22.26 -12.56 -10.83
N PHE B 37 -22.08 -13.56 -10.01
CA PHE B 37 -21.98 -14.91 -10.50
C PHE B 37 -23.05 -15.70 -9.78
N ILE B 38 -23.90 -16.38 -10.52
CA ILE B 38 -24.96 -17.16 -9.91
C ILE B 38 -24.66 -18.61 -10.22
N LYS B 39 -24.99 -19.48 -9.27
CA LYS B 39 -24.96 -20.93 -9.42
C LYS B 39 -26.30 -21.49 -9.00
N CYS B 40 -26.88 -22.35 -9.83
CA CYS B 40 -28.11 -23.04 -9.44
C CYS B 40 -27.88 -24.55 -9.38
N PRO B 41 -27.84 -25.13 -8.18
CA PRO B 41 -27.65 -26.60 -8.06
C PRO B 41 -28.67 -27.42 -8.84
N GLY B 42 -29.93 -26.95 -8.92
CA GLY B 42 -30.94 -27.65 -9.70
C GLY B 42 -30.63 -27.72 -11.18
N ILE B 43 -29.84 -26.77 -11.68
CA ILE B 43 -29.38 -26.74 -13.07
C ILE B 43 -28.01 -27.35 -13.24
N SER B 44 -27.04 -26.85 -12.49
CA SER B 44 -25.70 -27.46 -12.56
C SER B 44 -25.07 -27.29 -11.19
N LYS B 45 -24.64 -28.41 -10.64
CA LYS B 45 -24.01 -28.33 -9.35
C LYS B 45 -22.61 -27.71 -9.48
N PHE B 46 -22.11 -27.51 -10.71
CA PHE B 46 -20.76 -27.03 -10.95
C PHE B 46 -20.65 -25.67 -11.66
N GLU B 47 -21.57 -25.30 -12.55
CA GLU B 47 -21.31 -24.13 -13.37
C GLU B 47 -21.72 -22.84 -12.65
N TRP B 48 -20.92 -21.80 -12.83
CA TRP B 48 -21.21 -20.42 -12.46
C TRP B 48 -21.34 -19.56 -13.71
N HIS B 49 -22.23 -18.58 -13.66
CA HIS B 49 -22.49 -17.74 -14.82
C HIS B 49 -22.56 -16.26 -14.45
N PRO B 50 -21.96 -15.39 -15.28
CA PRO B 50 -21.91 -13.96 -14.97
C PRO B 50 -23.13 -13.18 -15.43
N PHE B 51 -23.65 -12.30 -14.56
CA PHE B 51 -24.81 -11.49 -14.91
C PHE B 51 -24.75 -10.11 -14.28
N THR B 52 -24.96 -9.08 -15.09
CA THR B 52 -25.06 -7.73 -14.57
C THR B 52 -26.30 -7.59 -13.68
N ILE B 53 -26.17 -6.88 -12.57
CA ILE B 53 -27.30 -6.62 -11.67
C ILE B 53 -28.16 -5.51 -12.28
N SER B 54 -29.46 -5.81 -12.48
CA SER B 54 -30.41 -4.92 -13.14
C SER B 54 -31.27 -4.14 -12.14
N SER B 55 -30.89 -4.12 -10.88
CA SER B 55 -31.55 -3.33 -9.87
C SER B 55 -30.57 -2.28 -9.37
N ALA B 56 -31.10 -1.16 -8.87
CA ALA B 56 -30.25 -0.17 -8.21
C ALA B 56 -29.90 -0.65 -6.80
N PRO B 57 -28.69 -0.32 -6.31
CA PRO B 57 -28.31 -0.73 -4.94
C PRO B 57 -29.26 -0.21 -3.87
N GLU B 58 -30.23 0.62 -4.28
CA GLU B 58 -31.28 1.19 -3.46
C GLU B 58 -32.53 0.30 -3.36
N MET B 59 -32.69 -0.69 -4.25
CA MET B 59 -33.87 -1.58 -4.16
C MET B 59 -33.77 -2.44 -2.91
N PRO B 60 -34.80 -2.39 -2.01
CA PRO B 60 -34.66 -2.91 -0.64
C PRO B 60 -33.75 -4.09 -0.46
N ASP B 61 -34.28 -5.30 -0.61
CA ASP B 61 -33.48 -6.48 -0.32
C ASP B 61 -33.65 -7.50 -1.42
N VAL B 62 -33.83 -7.02 -2.64
CA VAL B 62 -34.02 -7.89 -3.77
C VAL B 62 -33.04 -7.47 -4.85
N LEU B 63 -32.44 -8.46 -5.47
CA LEU B 63 -31.64 -8.26 -6.65
C LEU B 63 -32.47 -8.71 -7.84
N THR B 64 -32.47 -7.91 -8.89
CA THR B 64 -33.14 -8.33 -10.12
C THR B 64 -32.05 -8.69 -11.14
N LEU B 65 -32.30 -9.76 -11.88
CA LEU B 65 -31.48 -10.18 -12.99
C LEU B 65 -32.38 -10.39 -14.19
N HIS B 66 -31.91 -10.05 -15.36
CA HIS B 66 -32.71 -10.31 -16.56
C HIS B 66 -31.89 -11.28 -17.40
N ILE B 67 -32.28 -12.54 -17.39
CA ILE B 67 -31.52 -13.58 -18.08
C ILE B 67 -32.28 -13.98 -19.33
N ARG B 68 -31.59 -14.00 -20.47
CA ARG B 68 -32.20 -14.51 -21.70
C ARG B 68 -31.78 -15.95 -21.91
N ALA B 69 -32.71 -16.79 -22.34
CA ALA B 69 -32.38 -18.18 -22.60
C ALA B 69 -31.65 -18.19 -23.94
N VAL B 70 -30.32 -18.23 -23.85
CA VAL B 70 -29.47 -18.20 -25.04
C VAL B 70 -28.68 -19.49 -25.22
N GLY B 71 -28.73 -20.40 -24.25
CA GLY B 71 -28.08 -21.69 -24.40
C GLY B 71 -28.50 -22.68 -23.35
N SER B 72 -27.63 -23.63 -22.99
CA SER B 72 -28.03 -24.71 -22.11
C SER B 72 -28.40 -24.17 -20.73
N TRP B 73 -27.40 -23.76 -19.95
CA TRP B 73 -27.67 -23.30 -18.60
C TRP B 73 -28.71 -22.19 -18.55
N THR B 74 -28.65 -21.23 -19.45
CA THR B 74 -29.69 -20.22 -19.39
C THR B 74 -31.04 -20.79 -19.80
N GLY B 75 -31.04 -21.76 -20.71
CA GLY B 75 -32.27 -22.38 -21.17
C GLY B 75 -32.82 -23.42 -20.23
N LYS B 76 -31.96 -23.98 -19.39
CA LYS B 76 -32.38 -24.88 -18.34
C LYS B 76 -32.99 -24.13 -17.18
N LEU B 77 -32.53 -22.92 -16.93
CA LEU B 77 -33.18 -22.08 -15.93
C LEU B 77 -34.57 -21.65 -16.37
N TYR B 78 -34.75 -21.29 -17.66
CA TYR B 78 -36.07 -20.90 -18.13
C TYR B 78 -37.09 -22.02 -17.95
N GLN B 79 -36.77 -23.25 -18.37
CA GLN B 79 -37.70 -24.35 -18.15
C GLN B 79 -37.97 -24.56 -16.67
N LEU B 80 -36.93 -24.76 -15.86
CA LEU B 80 -37.12 -25.00 -14.42
C LEU B 80 -38.00 -23.93 -13.77
N ILE B 81 -37.79 -22.66 -14.12
CA ILE B 81 -38.64 -21.60 -13.57
C ILE B 81 -40.05 -21.68 -14.13
N ARG B 82 -40.19 -21.73 -15.47
CA ARG B 82 -41.50 -21.90 -16.08
C ARG B 82 -42.22 -23.13 -15.51
N GLU B 83 -41.53 -24.27 -15.48
CA GLU B 83 -42.17 -25.48 -14.97
C GLU B 83 -42.50 -25.30 -13.51
N GLN B 84 -41.59 -24.72 -12.73
CA GLN B 84 -41.91 -24.43 -11.35
C GLN B 84 -43.16 -23.56 -11.24
N ARG B 85 -43.31 -22.59 -12.12
CA ARG B 85 -44.46 -21.72 -11.97
C ARG B 85 -45.71 -22.29 -12.62
N GLU B 86 -45.58 -22.85 -13.83
CA GLU B 86 -46.73 -23.48 -14.49
C GLU B 86 -47.41 -24.53 -13.62
N GLU B 87 -46.70 -25.11 -12.64
CA GLU B 87 -47.36 -25.97 -11.67
C GLU B 87 -48.18 -25.16 -10.68
N TRP B 88 -47.66 -24.02 -10.24
CA TRP B 88 -48.48 -23.18 -9.37
C TRP B 88 -49.70 -22.56 -10.05
N ILE B 89 -49.99 -22.87 -11.32
CA ILE B 89 -51.25 -22.50 -11.95
C ILE B 89 -52.07 -23.74 -12.32
N ARG B 90 -51.44 -24.73 -12.97
CA ARG B 90 -52.13 -25.96 -13.33
C ARG B 90 -52.25 -26.91 -12.15
N SER B 91 -51.92 -26.34 -10.99
CA SER B 91 -52.03 -27.06 -9.73
C SER B 91 -51.91 -25.79 -8.93
N GLY B 92 -51.18 -25.79 -7.82
CA GLY B 92 -50.95 -24.55 -7.11
C GLY B 92 -51.55 -24.35 -5.77
N SER B 93 -50.71 -24.11 -4.76
CA SER B 93 -51.20 -23.86 -3.41
C SER B 93 -51.16 -22.37 -3.10
N PRO B 98 -41.40 -23.30 -3.56
CA PRO B 98 -41.12 -22.19 -2.65
C PRO B 98 -40.19 -21.20 -3.30
N GLY B 99 -38.92 -21.28 -2.90
CA GLY B 99 -37.82 -20.52 -3.49
C GLY B 99 -36.85 -21.51 -4.10
N VAL B 100 -36.05 -21.06 -5.08
CA VAL B 100 -35.08 -21.90 -5.75
C VAL B 100 -33.69 -21.53 -5.19
N PRO B 101 -33.00 -22.45 -4.50
CA PRO B 101 -31.71 -22.14 -3.86
C PRO B 101 -30.59 -21.82 -4.86
N VAL B 102 -29.96 -20.64 -4.71
CA VAL B 102 -28.83 -20.26 -5.54
C VAL B 102 -27.73 -19.70 -4.67
N TYR B 103 -26.52 -19.69 -5.21
CA TYR B 103 -25.38 -19.01 -4.61
C TYR B 103 -24.95 -17.86 -5.52
N ILE B 104 -24.51 -16.76 -4.91
CA ILE B 104 -24.05 -15.59 -5.66
C ILE B 104 -22.65 -15.27 -5.20
N ASP B 105 -21.80 -14.91 -6.16
CA ASP B 105 -20.37 -14.61 -5.97
C ASP B 105 -20.12 -13.19 -6.48
N GLY B 106 -19.82 -12.30 -5.55
CA GLY B 106 -19.70 -10.91 -5.88
C GLY B 106 -19.79 -10.03 -4.65
N PRO B 107 -20.07 -8.74 -4.84
CA PRO B 107 -20.28 -8.09 -6.14
C PRO B 107 -18.96 -7.72 -6.84
N TYR B 108 -19.02 -7.39 -8.13
CA TYR B 108 -17.85 -7.06 -8.93
C TYR B 108 -18.01 -5.70 -9.63
N GLY B 109 -16.96 -4.83 -9.54
CA GLY B 109 -17.05 -3.43 -9.94
C GLY B 109 -16.81 -3.09 -11.43
N THR B 110 -17.34 -1.92 -11.83
CA THR B 110 -17.29 -1.39 -13.18
C THR B 110 -17.04 0.11 -13.13
N PRO B 111 -16.48 0.67 -14.20
CA PRO B 111 -16.09 2.10 -14.18
C PRO B 111 -17.24 3.07 -14.26
N SER B 112 -18.44 2.54 -14.05
CA SER B 112 -19.66 3.33 -14.10
C SER B 112 -20.00 3.90 -12.74
N THR B 113 -19.15 3.68 -11.74
CA THR B 113 -19.37 4.42 -10.52
C THR B 113 -18.85 5.84 -10.66
N HIS B 114 -18.28 6.17 -11.83
CA HIS B 114 -17.75 7.50 -12.12
C HIS B 114 -18.67 8.33 -12.99
N ILE B 115 -19.83 7.78 -13.36
CA ILE B 115 -20.86 8.59 -13.97
C ILE B 115 -21.47 9.51 -12.93
N PHE B 116 -21.41 9.08 -11.66
CA PHE B 116 -22.03 9.78 -10.55
C PHE B 116 -21.17 10.90 -10.00
N GLU B 117 -19.87 10.92 -10.33
CA GLU B 117 -18.93 11.96 -9.90
C GLU B 117 -18.65 12.97 -11.01
N SER B 118 -19.24 12.78 -12.18
CA SER B 118 -19.15 13.73 -13.28
C SER B 118 -20.42 14.59 -13.32
N LYS B 119 -20.23 15.84 -13.76
CA LYS B 119 -21.33 16.81 -13.84
C LYS B 119 -22.27 16.49 -15.00
N TYR B 120 -21.72 16.29 -16.19
CA TYR B 120 -22.46 16.04 -17.41
C TYR B 120 -21.90 14.79 -18.05
N ALA B 121 -22.74 13.83 -18.36
CA ALA B 121 -22.23 12.56 -18.84
C ALA B 121 -22.99 12.11 -20.08
N ILE B 122 -22.28 11.56 -21.05
CA ILE B 122 -22.90 10.95 -22.21
C ILE B 122 -22.77 9.45 -22.07
N LEU B 123 -23.91 8.75 -22.02
CA LEU B 123 -23.94 7.31 -21.86
C LEU B 123 -24.42 6.72 -23.17
N ILE B 124 -23.60 5.88 -23.79
CA ILE B 124 -23.91 5.36 -25.11
C ILE B 124 -23.80 3.85 -25.07
N CYS B 125 -24.88 3.17 -25.36
CA CYS B 125 -24.91 1.71 -25.34
C CYS B 125 -25.20 1.23 -26.73
N ALA B 126 -24.25 0.52 -27.31
CA ALA B 126 -24.40 -0.05 -28.64
C ALA B 126 -24.38 -1.56 -28.48
N GLY B 127 -25.58 -2.16 -28.38
CA GLY B 127 -25.70 -3.60 -28.30
C GLY B 127 -26.77 -4.16 -27.41
N ILE B 128 -26.45 -5.31 -26.82
CA ILE B 128 -27.32 -6.03 -25.91
C ILE B 128 -26.81 -5.96 -24.48
N GLY B 129 -25.69 -5.25 -24.27
CA GLY B 129 -25.15 -5.02 -22.94
C GLY B 129 -25.87 -3.90 -22.19
N VAL B 130 -27.19 -3.87 -22.29
CA VAL B 130 -27.93 -2.76 -21.72
C VAL B 130 -28.32 -3.02 -20.28
N THR B 131 -28.25 -4.29 -19.85
CA THR B 131 -28.56 -4.66 -18.47
C THR B 131 -27.88 -3.76 -17.45
N PRO B 132 -26.59 -3.47 -17.56
CA PRO B 132 -25.96 -2.56 -16.59
C PRO B 132 -26.45 -1.12 -16.64
N PHE B 133 -26.82 -0.62 -17.80
CA PHE B 133 -27.28 0.77 -17.80
C PHE B 133 -28.58 0.92 -17.06
N ALA B 134 -29.42 -0.13 -17.08
CA ALA B 134 -30.66 -0.15 -16.33
C ALA B 134 -30.41 0.11 -14.85
N SER B 135 -29.60 -0.73 -14.22
CA SER B 135 -29.30 -0.52 -12.80
C SER B 135 -28.77 0.88 -12.55
N ILE B 136 -27.97 1.39 -13.48
CA ILE B 136 -27.41 2.74 -13.34
C ILE B 136 -28.49 3.80 -13.51
N LEU B 137 -29.22 3.74 -14.63
CA LEU B 137 -30.23 4.78 -14.86
C LEU B 137 -31.32 4.80 -13.80
N LYS B 138 -31.54 3.69 -13.10
CA LYS B 138 -32.54 3.66 -12.03
C LYS B 138 -31.99 4.33 -10.77
N SER B 139 -30.67 4.20 -10.55
CA SER B 139 -29.99 4.79 -9.39
C SER B 139 -29.89 6.31 -9.50
N ILE B 140 -29.81 6.85 -10.71
CA ILE B 140 -29.85 8.28 -10.89
C ILE B 140 -31.22 8.87 -10.62
N LEU B 141 -32.28 8.07 -10.72
CA LEU B 141 -33.60 8.53 -10.30
C LEU B 141 -33.67 8.70 -8.79
N HIS B 142 -33.40 7.62 -8.03
CA HIS B 142 -33.30 7.69 -6.57
C HIS B 142 -32.38 8.82 -6.09
N ARG B 143 -31.22 9.02 -6.72
CA ARG B 143 -30.31 10.02 -6.18
C ARG B 143 -30.81 11.46 -6.42
N ASN B 144 -31.49 11.71 -7.55
CA ASN B 144 -32.08 13.04 -7.76
C ASN B 144 -33.25 13.33 -6.83
N GLN B 145 -34.05 12.32 -6.50
CA GLN B 145 -35.17 12.58 -5.63
C GLN B 145 -34.69 12.82 -4.21
N GLN B 146 -33.85 11.90 -3.71
CA GLN B 146 -33.38 11.93 -2.34
C GLN B 146 -32.66 13.24 -2.04
N ASN B 147 -31.75 13.61 -2.90
CA ASN B 147 -30.98 14.81 -2.64
C ASN B 147 -30.38 15.23 -3.97
N PRO B 148 -31.13 15.96 -4.80
CA PRO B 148 -30.61 16.31 -6.13
C PRO B 148 -29.35 17.17 -6.06
N ALA B 149 -29.24 18.03 -5.04
CA ALA B 149 -28.05 18.86 -4.88
C ALA B 149 -26.84 18.04 -4.46
N LYS B 150 -27.02 17.02 -3.62
CA LYS B 150 -25.90 16.20 -3.19
C LYS B 150 -25.32 15.35 -4.30
N MET B 151 -25.82 15.52 -5.52
CA MET B 151 -25.38 14.71 -6.64
C MET B 151 -24.68 15.63 -7.63
N PRO B 152 -23.41 15.40 -7.94
CA PRO B 152 -22.74 16.30 -8.88
C PRO B 152 -23.28 16.20 -10.29
N LEU B 153 -24.06 15.17 -10.60
CA LEU B 153 -24.47 14.92 -11.96
C LEU B 153 -25.67 15.82 -12.32
N LYS B 154 -25.50 16.66 -13.35
CA LYS B 154 -26.49 17.69 -13.71
C LYS B 154 -27.30 17.38 -14.96
N LYS B 155 -26.80 16.49 -15.84
CA LYS B 155 -27.52 16.12 -17.04
C LYS B 155 -26.86 14.89 -17.63
N VAL B 156 -27.68 13.92 -18.08
CA VAL B 156 -27.18 12.64 -18.59
C VAL B 156 -27.81 12.37 -19.93
N HIS B 157 -26.98 12.24 -20.97
CA HIS B 157 -27.42 11.92 -22.32
C HIS B 157 -27.27 10.42 -22.59
N PHE B 158 -28.40 9.76 -22.79
CA PHE B 158 -28.44 8.34 -23.03
C PHE B 158 -28.81 8.10 -24.49
N TYR B 159 -28.08 7.22 -25.15
CA TYR B 159 -28.34 6.82 -26.53
C TYR B 159 -28.30 5.30 -26.57
N TRP B 160 -29.42 4.66 -26.92
CA TRP B 160 -29.43 3.20 -27.00
C TRP B 160 -29.67 2.79 -28.44
N LEU B 161 -28.70 2.06 -28.99
CA LEU B 161 -28.64 1.65 -30.38
C LEU B 161 -28.73 0.13 -30.41
N ASN B 162 -29.87 -0.40 -30.83
CA ASN B 162 -30.00 -1.85 -30.94
C ASN B 162 -30.57 -2.17 -32.32
N ARG B 163 -30.33 -3.39 -32.78
CA ARG B 163 -30.91 -3.76 -34.05
C ARG B 163 -32.34 -4.26 -33.90
N GLU B 164 -32.67 -4.82 -32.75
CA GLU B 164 -34.03 -5.29 -32.45
C GLU B 164 -34.15 -5.48 -30.95
N GLN B 165 -35.32 -5.11 -30.41
CA GLN B 165 -35.48 -5.03 -28.96
C GLN B 165 -36.61 -5.93 -28.46
N LYS B 166 -36.92 -7.00 -29.20
CA LYS B 166 -37.93 -7.95 -28.74
C LYS B 166 -37.51 -8.55 -27.41
N ALA B 167 -36.21 -8.84 -27.28
CA ALA B 167 -35.66 -9.31 -26.03
C ALA B 167 -35.56 -8.18 -25.02
N PHE B 168 -35.63 -6.93 -25.50
CA PHE B 168 -35.46 -5.76 -24.65
C PHE B 168 -36.70 -4.92 -24.48
N GLU B 169 -37.88 -5.52 -24.55
CA GLU B 169 -39.03 -4.69 -24.27
C GLU B 169 -39.09 -4.30 -22.82
N TRP B 170 -38.43 -5.06 -21.96
CA TRP B 170 -38.35 -4.64 -20.57
C TRP B 170 -37.43 -3.43 -20.44
N PHE B 171 -36.45 -3.29 -21.34
CA PHE B 171 -35.69 -2.06 -21.29
C PHE B 171 -36.56 -0.90 -21.74
N VAL B 172 -37.34 -1.10 -22.81
CA VAL B 172 -38.16 -0.02 -23.36
C VAL B 172 -39.00 0.62 -22.27
N GLU B 173 -39.84 -0.20 -21.61
CA GLU B 173 -40.68 0.30 -20.52
C GLU B 173 -39.85 0.95 -19.43
N LEU B 174 -38.64 0.42 -19.18
CA LEU B 174 -37.81 0.98 -18.12
C LEU B 174 -37.39 2.40 -18.44
N LEU B 175 -37.06 2.68 -19.70
CA LEU B 175 -36.76 4.07 -20.05
C LEU B 175 -38.01 4.94 -20.00
N SER B 176 -39.16 4.40 -20.40
CA SER B 176 -40.38 5.20 -20.33
C SER B 176 -40.74 5.53 -18.89
N LYS B 177 -40.58 4.56 -17.98
CA LYS B 177 -40.77 4.89 -16.57
C LYS B 177 -39.84 6.05 -16.19
N ILE B 178 -38.59 6.02 -16.70
CA ILE B 178 -37.55 6.98 -16.30
C ILE B 178 -37.86 8.40 -16.76
N GLU B 179 -38.36 8.56 -17.99
CA GLU B 179 -38.82 9.89 -18.36
C GLU B 179 -39.90 10.39 -17.39
N ALA B 180 -40.75 9.48 -16.89
CA ALA B 180 -41.89 9.88 -16.07
C ALA B 180 -41.45 10.46 -14.73
N GLU B 181 -40.71 9.69 -13.92
CA GLU B 181 -40.26 10.23 -12.63
C GLU B 181 -39.11 11.22 -12.79
N ASP B 182 -38.71 11.51 -14.03
CA ASP B 182 -37.81 12.61 -14.32
C ASP B 182 -38.59 13.91 -14.29
N THR B 183 -38.43 14.65 -13.18
CA THR B 183 -39.03 15.96 -12.97
C THR B 183 -38.11 17.10 -13.43
N ASN B 184 -36.81 16.96 -13.16
CA ASN B 184 -35.82 18.00 -13.40
C ASN B 184 -35.21 17.93 -14.79
N ASN B 185 -35.73 17.05 -15.66
CA ASN B 185 -35.17 16.79 -16.99
C ASN B 185 -33.71 16.39 -16.84
N LEU B 186 -33.43 15.51 -15.87
CA LEU B 186 -32.07 15.07 -15.64
C LEU B 186 -31.55 14.24 -16.82
N PHE B 187 -32.43 13.46 -17.46
CA PHE B 187 -32.06 12.52 -18.50
C PHE B 187 -32.45 13.06 -19.88
N ASP B 188 -31.56 12.86 -20.86
CA ASP B 188 -31.85 13.08 -22.28
C ASP B 188 -31.75 11.71 -22.94
N LEU B 189 -32.93 11.11 -23.18
CA LEU B 189 -33.04 9.72 -23.61
C LEU B 189 -33.23 9.62 -25.13
N ASN B 190 -32.57 8.61 -25.71
CA ASN B 190 -32.60 8.43 -27.15
C ASN B 190 -32.47 6.95 -27.46
N LEU B 191 -33.31 6.47 -28.38
CA LEU B 191 -33.25 5.10 -28.90
C LEU B 191 -33.05 5.16 -30.40
N TYR B 192 -32.17 4.33 -30.90
CA TYR B 192 -31.92 4.26 -32.33
C TYR B 192 -32.12 2.82 -32.77
N LEU B 193 -32.99 2.60 -33.75
CA LEU B 193 -33.25 1.28 -34.29
C LEU B 193 -32.43 1.12 -35.56
N THR B 194 -31.43 0.28 -35.49
CA THR B 194 -30.56 0.02 -36.61
C THR B 194 -31.06 -1.20 -37.38
N SER B 228 -43.68 5.85 -27.19
CA SER B 228 -42.34 6.35 -27.54
C SER B 228 -42.03 6.31 -29.02
N ARG B 229 -42.05 7.50 -29.63
CA ARG B 229 -41.58 7.71 -31.01
C ARG B 229 -40.05 7.86 -31.02
N THR B 230 -39.37 6.77 -31.33
CA THR B 230 -37.92 6.68 -31.35
C THR B 230 -37.41 7.03 -32.75
N LYS B 231 -36.08 7.07 -32.88
CA LYS B 231 -35.35 7.36 -34.12
C LYS B 231 -34.83 6.09 -34.79
N THR B 232 -34.53 6.21 -36.09
CA THR B 232 -34.10 5.10 -36.93
C THR B 232 -32.76 5.41 -37.60
N GLY B 233 -31.88 4.39 -37.66
CA GLY B 233 -30.61 4.47 -38.38
C GLY B 233 -29.42 4.97 -37.58
N ARG B 234 -28.30 5.16 -38.29
CA ARG B 234 -27.12 5.63 -37.61
C ARG B 234 -27.33 7.09 -37.22
N PRO B 235 -27.16 7.44 -35.96
CA PRO B 235 -27.18 8.85 -35.57
C PRO B 235 -26.02 9.60 -36.19
N ASP B 236 -26.23 10.90 -36.36
CA ASP B 236 -25.17 11.83 -36.75
C ASP B 236 -24.42 12.12 -35.46
N TRP B 237 -23.44 11.27 -35.17
CA TRP B 237 -22.66 11.44 -33.96
C TRP B 237 -21.95 12.78 -33.94
N GLU B 238 -21.54 13.30 -35.10
CA GLU B 238 -20.84 14.57 -35.07
C GLU B 238 -21.74 15.68 -34.53
N GLU B 239 -22.97 15.74 -35.05
CA GLU B 239 -23.89 16.78 -34.65
C GLU B 239 -24.44 16.55 -33.24
N ILE B 240 -24.57 15.29 -32.82
CA ILE B 240 -25.00 14.99 -31.45
C ILE B 240 -23.99 15.55 -30.47
N PHE B 241 -22.70 15.35 -30.75
CA PHE B 241 -21.63 15.84 -29.89
C PHE B 241 -21.53 17.34 -29.96
N LYS B 242 -21.84 17.94 -31.12
CA LYS B 242 -21.77 19.39 -31.17
C LYS B 242 -22.82 20.01 -30.27
N ASP B 243 -24.04 19.46 -30.30
CA ASP B 243 -25.13 19.91 -29.44
C ASP B 243 -24.73 19.83 -27.97
N VAL B 244 -24.49 18.59 -27.49
CA VAL B 244 -24.20 18.39 -26.08
C VAL B 244 -23.01 19.23 -25.66
N ALA B 245 -22.06 19.46 -26.56
CA ALA B 245 -20.96 20.38 -26.27
C ALA B 245 -21.49 21.79 -26.07
N LYS B 246 -22.31 22.28 -27.03
CA LYS B 246 -22.93 23.60 -26.91
C LYS B 246 -23.85 23.71 -25.69
N GLN B 247 -24.58 22.63 -25.34
CA GLN B 247 -25.54 22.72 -24.24
C GLN B 247 -24.86 22.95 -22.88
N HIS B 248 -23.63 22.47 -22.73
CA HIS B 248 -22.97 22.32 -21.43
C HIS B 248 -21.66 23.07 -21.35
N ALA B 249 -21.34 23.87 -22.36
CA ALA B 249 -20.14 24.71 -22.33
C ALA B 249 -20.17 25.65 -21.13
N PRO B 250 -19.00 25.92 -20.50
CA PRO B 250 -17.70 25.34 -20.89
C PRO B 250 -17.26 24.17 -20.00
N ASP B 251 -18.16 23.70 -19.12
CA ASP B 251 -17.84 22.66 -18.16
C ASP B 251 -17.48 21.38 -18.90
N ASN B 252 -17.01 20.38 -18.14
CA ASN B 252 -16.55 19.13 -18.75
C ASN B 252 -17.70 18.13 -18.88
N VAL B 253 -17.70 17.38 -19.98
CA VAL B 253 -18.64 16.31 -20.27
C VAL B 253 -17.86 15.00 -20.42
N GLU B 254 -18.30 13.96 -19.74
CA GLU B 254 -17.67 12.64 -19.82
C GLU B 254 -18.51 11.72 -20.68
N VAL B 255 -17.89 11.00 -21.60
CA VAL B 255 -18.57 9.99 -22.39
C VAL B 255 -18.25 8.61 -21.84
N PHE B 256 -19.29 7.79 -21.66
CA PHE B 256 -19.15 6.40 -21.26
C PHE B 256 -19.71 5.54 -22.36
N PHE B 257 -18.88 4.66 -22.90
CA PHE B 257 -19.25 3.95 -24.10
C PHE B 257 -19.25 2.45 -23.90
N CYS B 258 -20.21 1.80 -24.55
CA CYS B 258 -20.38 0.36 -24.44
C CYS B 258 -20.88 -0.17 -25.79
N GLY B 259 -19.98 -0.76 -26.56
CA GLY B 259 -20.36 -1.30 -27.84
C GLY B 259 -19.19 -1.88 -28.60
N PRO B 260 -19.31 -2.02 -29.92
CA PRO B 260 -18.22 -2.58 -30.72
C PRO B 260 -17.10 -1.55 -30.88
N THR B 261 -15.88 -2.04 -31.18
CA THR B 261 -14.74 -1.13 -31.22
C THR B 261 -14.79 -0.16 -32.42
N GLY B 262 -15.38 -0.57 -33.55
CA GLY B 262 -15.46 0.32 -34.70
C GLY B 262 -16.17 1.63 -34.41
N LEU B 263 -17.25 1.57 -33.65
CA LEU B 263 -17.91 2.78 -33.18
C LEU B 263 -17.06 3.54 -32.19
N ALA B 264 -16.40 2.82 -31.28
CA ALA B 264 -15.60 3.47 -30.24
C ALA B 264 -14.56 4.40 -30.84
N LEU B 265 -13.92 3.96 -31.92
CA LEU B 265 -12.88 4.75 -32.57
C LEU B 265 -13.45 6.08 -33.06
N GLN B 266 -14.66 6.06 -33.61
CA GLN B 266 -15.32 7.32 -34.00
C GLN B 266 -15.56 8.22 -32.80
N LEU B 267 -16.18 7.70 -31.75
CA LEU B 267 -16.51 8.55 -30.60
C LEU B 267 -15.26 9.12 -29.97
N ARG B 268 -14.16 8.40 -30.04
CA ARG B 268 -12.92 8.90 -29.46
C ARG B 268 -12.40 10.07 -30.25
N HIS B 269 -12.63 10.05 -31.57
CA HIS B 269 -12.24 11.20 -32.38
C HIS B 269 -13.10 12.39 -32.00
N LEU B 270 -14.38 12.13 -31.77
CA LEU B 270 -15.29 13.19 -31.42
C LEU B 270 -15.01 13.72 -30.00
N CYS B 271 -14.54 12.86 -29.09
CA CYS B 271 -14.20 13.38 -27.77
C CYS B 271 -12.95 14.26 -27.78
N THR B 272 -11.96 13.93 -28.61
CA THR B 272 -10.78 14.79 -28.64
C THR B 272 -11.10 16.11 -29.32
N LYS B 273 -11.98 16.07 -30.32
CA LYS B 273 -12.43 17.27 -30.98
C LYS B 273 -13.20 18.19 -30.04
N TYR B 274 -14.25 17.66 -29.42
CA TYR B 274 -15.12 18.46 -28.58
C TYR B 274 -14.69 18.41 -27.10
N GLY B 275 -13.50 17.88 -26.81
CA GLY B 275 -12.94 17.86 -25.47
C GLY B 275 -13.82 17.24 -24.41
N PHE B 276 -14.05 15.94 -24.50
CA PHE B 276 -15.01 15.33 -23.59
C PHE B 276 -14.31 14.45 -22.56
N GLY B 277 -13.86 13.28 -22.96
CA GLY B 277 -13.31 12.37 -21.98
C GLY B 277 -14.03 11.07 -22.16
N TYR B 278 -13.26 9.99 -22.33
CA TYR B 278 -13.75 8.76 -22.91
C TYR B 278 -13.24 7.56 -22.11
N ARG B 279 -14.10 6.56 -21.92
CA ARG B 279 -13.63 5.28 -21.41
C ARG B 279 -14.58 4.19 -21.89
N LYS B 280 -14.01 3.07 -22.38
CA LYS B 280 -14.81 1.97 -22.94
C LYS B 280 -15.08 0.88 -21.91
N GLU B 281 -16.32 0.79 -21.49
CA GLU B 281 -16.79 -0.26 -20.59
C GLU B 281 -17.26 -1.44 -21.42
N ASN B 282 -16.63 -2.60 -21.28
CA ASN B 282 -17.14 -3.74 -22.07
C ASN B 282 -17.96 -4.72 -21.22
N GLU C 3 -5.18 9.37 -7.49
CA GLU C 3 -5.33 9.72 -8.89
C GLU C 3 -4.00 10.21 -9.54
N PRO C 4 -3.45 11.39 -9.22
CA PRO C 4 -2.19 11.84 -9.90
C PRO C 4 -0.98 11.03 -9.45
N THR C 5 -0.33 10.34 -10.38
CA THR C 5 0.84 9.53 -10.04
C THR C 5 1.79 9.61 -11.23
N PHE C 6 2.77 8.71 -11.28
CA PHE C 6 3.83 8.82 -12.26
C PHE C 6 4.23 7.45 -12.76
N VAL C 7 4.72 7.40 -13.99
CA VAL C 7 5.40 6.22 -14.50
C VAL C 7 6.87 6.40 -14.18
N VAL C 8 7.41 5.54 -13.33
CA VAL C 8 8.78 5.77 -12.89
C VAL C 8 9.84 4.99 -13.65
N ASN C 9 9.51 3.87 -14.29
CA ASN C 9 10.50 3.15 -15.08
C ASN C 9 9.75 2.40 -16.17
N ALA C 10 10.44 2.05 -17.24
CA ALA C 10 9.79 1.32 -18.32
C ALA C 10 10.82 0.45 -19.00
N SER C 11 10.35 -0.62 -19.62
CA SER C 11 11.22 -1.59 -20.28
C SER C 11 10.70 -1.90 -21.66
N LEU C 12 11.45 -1.55 -22.69
CA LEU C 12 11.04 -1.86 -24.04
C LEU C 12 11.18 -3.36 -24.28
N LEU C 13 10.11 -4.09 -24.08
CA LEU C 13 10.07 -5.53 -24.24
C LEU C 13 9.82 -5.90 -25.69
N PRO C 14 9.97 -7.17 -26.05
CA PRO C 14 9.82 -7.55 -27.45
C PRO C 14 8.41 -7.29 -27.94
N SER C 15 8.29 -7.24 -29.26
CA SER C 15 7.01 -7.07 -29.93
C SER C 15 6.31 -5.80 -29.45
N LYS C 16 7.09 -4.77 -29.15
CA LYS C 16 6.55 -3.46 -28.76
C LYS C 16 5.70 -3.52 -27.51
N VAL C 17 6.08 -4.35 -26.58
CA VAL C 17 5.45 -4.41 -25.27
C VAL C 17 6.16 -3.45 -24.33
N LEU C 18 5.40 -2.75 -23.51
CA LEU C 18 5.97 -1.88 -22.48
C LEU C 18 5.77 -2.53 -21.10
N GLY C 19 6.84 -2.86 -20.40
CA GLY C 19 6.68 -3.08 -18.97
C GLY C 19 6.78 -1.76 -18.23
N LEU C 20 5.78 -1.39 -17.43
CA LEU C 20 5.74 -0.07 -16.79
C LEU C 20 5.77 -0.17 -15.28
N GLN C 21 6.54 0.72 -14.68
CA GLN C 21 6.61 0.89 -13.24
C GLN C 21 5.78 2.12 -12.91
N VAL C 22 4.82 1.98 -12.00
CA VAL C 22 3.89 3.06 -11.64
C VAL C 22 3.85 3.22 -10.13
N GLN C 23 4.06 4.44 -9.67
CA GLN C 23 3.99 4.73 -8.24
C GLN C 23 2.57 4.44 -7.74
N ARG C 24 2.49 3.72 -6.63
CA ARG C 24 1.20 3.27 -6.12
C ARG C 24 0.64 4.29 -5.16
N PRO C 25 -0.50 4.92 -5.43
CA PRO C 25 -1.12 5.75 -4.41
C PRO C 25 -1.37 4.91 -3.16
N GLN C 26 -1.02 5.44 -1.98
CA GLN C 26 -1.10 4.61 -0.78
C GLN C 26 -2.54 4.20 -0.48
N SER C 27 -3.51 4.95 -1.00
CA SER C 27 -4.93 4.61 -0.92
C SER C 27 -5.28 3.47 -1.85
N PHE C 28 -4.37 3.06 -2.71
CA PHE C 28 -4.67 2.12 -3.79
C PHE C 28 -4.39 0.70 -3.31
N ASN C 29 -5.45 0.03 -2.86
CA ASN C 29 -5.41 -1.38 -2.49
C ASN C 29 -6.14 -2.19 -3.56
N TYR C 30 -5.48 -3.25 -4.05
CA TYR C 30 -6.07 -4.11 -5.07
C TYR C 30 -5.78 -5.58 -4.77
N GLN C 31 -6.49 -6.45 -5.47
CA GLN C 31 -6.34 -7.89 -5.38
C GLN C 31 -5.81 -8.44 -6.70
N PRO C 32 -5.15 -9.59 -6.68
CA PRO C 32 -4.52 -10.13 -7.90
C PRO C 32 -5.53 -10.43 -9.00
N GLY C 33 -5.19 -9.97 -10.20
CA GLY C 33 -6.04 -10.11 -11.36
C GLY C 33 -6.85 -8.88 -11.66
N ASP C 34 -6.82 -7.88 -10.80
CA ASP C 34 -7.60 -6.70 -11.05
C ASP C 34 -7.02 -5.94 -12.23
N TYR C 35 -7.80 -4.99 -12.71
CA TYR C 35 -7.41 -4.16 -13.82
C TYR C 35 -7.61 -2.72 -13.41
N LEU C 36 -7.13 -1.84 -14.27
CA LEU C 36 -6.86 -0.45 -13.96
C LEU C 36 -7.38 0.42 -15.07
N PHE C 37 -7.52 1.71 -14.81
CA PHE C 37 -7.78 2.63 -15.90
C PHE C 37 -6.69 3.68 -15.83
N ILE C 38 -6.01 3.89 -16.95
CA ILE C 38 -4.90 4.83 -17.00
C ILE C 38 -5.19 5.96 -17.99
N LYS C 39 -4.81 7.17 -17.60
CA LYS C 39 -4.84 8.34 -18.45
C LYS C 39 -3.45 8.96 -18.45
N CYS C 40 -2.88 9.16 -19.64
CA CYS C 40 -1.63 9.89 -19.79
C CYS C 40 -1.93 11.19 -20.51
N PRO C 41 -1.87 12.33 -19.84
CA PRO C 41 -2.09 13.62 -20.55
C PRO C 41 -1.16 13.81 -21.73
N GLY C 42 0.09 13.38 -21.61
CA GLY C 42 1.08 13.51 -22.65
C GLY C 42 0.72 12.82 -23.96
N ILE C 43 -0.16 11.83 -23.92
CA ILE C 43 -0.64 11.26 -25.16
C ILE C 43 -1.97 11.92 -25.47
N SER C 44 -2.95 11.72 -24.59
CA SER C 44 -4.28 12.30 -24.78
C SER C 44 -4.87 12.59 -23.41
N LYS C 45 -5.23 13.85 -23.25
CA LYS C 45 -5.74 14.50 -22.07
C LYS C 45 -7.15 14.03 -21.72
N PHE C 46 -7.77 13.24 -22.60
CA PHE C 46 -9.17 12.84 -22.43
C PHE C 46 -9.41 11.34 -22.32
N GLU C 47 -8.66 10.50 -23.03
CA GLU C 47 -9.03 9.09 -23.13
C GLU C 47 -8.48 8.28 -21.96
N TRP C 48 -9.29 7.32 -21.50
CA TRP C 48 -8.87 6.30 -20.56
C TRP C 48 -8.83 4.93 -21.23
N HIS C 49 -7.85 4.12 -20.84
CA HIS C 49 -7.64 2.80 -21.41
C HIS C 49 -7.48 1.78 -20.31
N PRO C 50 -8.11 0.62 -20.43
CA PRO C 50 -8.03 -0.40 -19.38
C PRO C 50 -6.82 -1.29 -19.59
N PHE C 51 -6.14 -1.60 -18.47
CA PHE C 51 -5.00 -2.52 -18.45
C PHE C 51 -4.95 -3.25 -17.12
N THR C 52 -4.89 -4.59 -17.15
CA THR C 52 -4.74 -5.36 -15.92
C THR C 52 -3.39 -5.09 -15.24
N ILE C 53 -3.41 -5.03 -13.92
CA ILE C 53 -2.19 -4.88 -13.13
C ILE C 53 -1.45 -6.21 -13.09
N SER C 54 -0.21 -6.21 -13.58
CA SER C 54 0.60 -7.42 -13.70
C SER C 54 1.53 -7.64 -12.48
N SER C 55 1.29 -6.93 -11.39
CA SER C 55 2.06 -7.10 -10.17
C SER C 55 1.21 -7.80 -9.12
N ALA C 56 1.87 -8.48 -8.17
CA ALA C 56 1.05 -8.91 -7.05
C ALA C 56 0.85 -7.70 -6.15
N PRO C 57 -0.31 -7.57 -5.51
CA PRO C 57 -0.49 -6.42 -4.59
C PRO C 57 0.55 -6.39 -3.47
N GLU C 58 1.36 -7.43 -3.35
CA GLU C 58 2.35 -7.51 -2.30
C GLU C 58 3.61 -6.66 -2.59
N MET C 59 3.82 -6.23 -3.85
CA MET C 59 4.95 -5.37 -4.22
C MET C 59 4.77 -3.96 -3.62
N PRO C 60 5.70 -3.47 -2.81
CA PRO C 60 5.45 -2.26 -2.01
C PRO C 60 4.88 -1.05 -2.73
N ASP C 61 5.66 -0.38 -3.61
CA ASP C 61 5.21 0.94 -4.06
C ASP C 61 5.12 1.08 -5.57
N VAL C 62 4.92 -0.02 -6.27
CA VAL C 62 4.80 0.00 -7.72
C VAL C 62 3.67 -0.90 -8.18
N LEU C 63 2.98 -0.44 -9.21
CA LEU C 63 2.07 -1.24 -10.00
C LEU C 63 2.80 -1.50 -11.30
N THR C 64 2.81 -2.74 -11.76
CA THR C 64 3.36 -3.01 -13.08
C THR C 64 2.22 -3.31 -14.03
N LEU C 65 2.32 -2.78 -15.23
CA LEU C 65 1.40 -2.97 -16.34
C LEU C 65 2.17 -3.35 -17.58
N HIS C 66 1.67 -4.32 -18.31
CA HIS C 66 2.34 -4.77 -19.52
C HIS C 66 1.45 -4.36 -20.68
N ILE C 67 1.83 -3.27 -21.34
CA ILE C 67 1.05 -2.68 -22.42
C ILE C 67 1.69 -3.06 -23.74
N ARG C 68 0.89 -3.57 -24.66
CA ARG C 68 1.38 -3.80 -26.00
C ARG C 68 0.91 -2.66 -26.86
N ALA C 69 1.79 -2.18 -27.74
CA ALA C 69 1.43 -1.16 -28.70
C ALA C 69 0.60 -1.86 -29.77
N VAL C 70 -0.72 -1.77 -29.64
CA VAL C 70 -1.65 -2.41 -30.58
C VAL C 70 -2.47 -1.42 -31.37
N GLY C 71 -2.40 -0.12 -31.06
CA GLY C 71 -3.12 0.90 -31.78
C GLY C 71 -2.74 2.33 -31.48
N SER C 72 -3.70 3.27 -31.52
CA SER C 72 -3.44 4.70 -31.38
C SER C 72 -2.81 5.06 -30.06
N TRP C 73 -3.60 4.98 -28.99
CA TRP C 73 -3.12 5.35 -27.66
C TRP C 73 -1.90 4.53 -27.23
N THR C 74 -1.98 3.20 -27.37
CA THR C 74 -0.90 2.37 -26.87
C THR C 74 0.37 2.55 -27.67
N GLY C 75 0.24 2.80 -28.96
CA GLY C 75 1.42 3.03 -29.77
C GLY C 75 2.00 4.41 -29.57
N LYS C 76 1.17 5.34 -29.10
CA LYS C 76 1.72 6.62 -28.73
C LYS C 76 2.51 6.54 -27.43
N LEU C 77 2.13 5.64 -26.53
CA LEU C 77 2.92 5.45 -25.32
C LEU C 77 4.25 4.80 -25.62
N TYR C 78 4.26 3.81 -26.54
CA TYR C 78 5.52 3.19 -26.92
C TYR C 78 6.49 4.25 -27.43
N GLN C 79 6.03 5.11 -28.35
CA GLN C 79 6.87 6.20 -28.84
C GLN C 79 7.24 7.15 -27.71
N LEU C 80 6.24 7.72 -27.01
CA LEU C 80 6.54 8.69 -25.96
C LEU C 80 7.59 8.17 -24.98
N ILE C 81 7.48 6.92 -24.55
CA ILE C 81 8.48 6.39 -23.63
C ILE C 81 9.80 6.17 -24.35
N ARG C 82 9.78 5.45 -25.48
CA ARG C 82 11.02 5.22 -26.24
C ARG C 82 11.77 6.53 -26.47
N GLU C 83 11.07 7.58 -26.88
CA GLU C 83 11.75 8.85 -27.11
C GLU C 83 12.26 9.45 -25.79
N GLN C 84 11.43 9.41 -24.75
CA GLN C 84 11.85 9.90 -23.43
C GLN C 84 13.15 9.23 -23.00
N ARG C 85 13.28 7.93 -23.27
CA ARG C 85 14.45 7.20 -22.84
C ARG C 85 15.60 7.39 -23.82
N GLU C 86 15.32 7.29 -25.13
CA GLU C 86 16.36 7.50 -26.12
C GLU C 86 17.08 8.83 -25.90
N GLU C 87 16.42 9.79 -25.22
CA GLU C 87 17.09 11.01 -24.80
C GLU C 87 18.02 10.81 -23.59
N TRP C 88 17.56 10.15 -22.55
CA TRP C 88 18.52 9.96 -21.43
C TRP C 88 19.74 9.02 -21.75
N ILE C 89 20.00 8.55 -22.97
CA ILE C 89 21.21 7.81 -23.31
C ILE C 89 22.06 8.55 -24.35
N ARG C 90 21.44 9.03 -25.45
CA ARG C 90 22.12 9.78 -26.50
C ARG C 90 22.29 11.26 -26.13
N SER C 91 21.84 11.67 -24.93
CA SER C 91 22.16 12.95 -24.33
C SER C 91 22.57 12.69 -22.88
N GLY C 92 21.72 11.99 -22.12
CA GLY C 92 22.05 11.62 -20.76
C GLY C 92 22.00 12.75 -19.76
N SER C 93 21.78 13.99 -20.22
CA SER C 93 21.78 15.16 -19.36
C SER C 93 20.70 15.01 -18.30
N SER C 94 21.06 15.33 -17.04
CA SER C 94 20.10 15.24 -15.92
C SER C 94 18.79 15.90 -16.31
N PRO C 98 12.31 12.58 -15.68
CA PRO C 98 12.14 11.95 -14.37
C PRO C 98 10.97 10.98 -14.36
N GLY C 99 9.77 11.46 -14.02
CA GLY C 99 8.58 10.63 -14.08
C GLY C 99 7.55 11.14 -15.09
N VAL C 100 6.68 10.26 -15.58
CA VAL C 100 5.67 10.58 -16.57
C VAL C 100 4.31 10.69 -15.85
N PRO C 101 3.75 11.88 -15.73
CA PRO C 101 2.47 12.03 -15.01
C PRO C 101 1.36 11.27 -15.71
N VAL C 102 0.70 10.40 -14.93
CA VAL C 102 -0.43 9.61 -15.39
C VAL C 102 -1.54 9.68 -14.35
N TYR C 103 -2.71 9.27 -14.77
CA TYR C 103 -3.82 9.09 -13.87
C TYR C 103 -4.17 7.61 -13.83
N ILE C 104 -4.55 7.11 -12.65
CA ILE C 104 -4.94 5.72 -12.52
C ILE C 104 -6.31 5.68 -11.86
N ASP C 105 -7.21 4.90 -12.42
CA ASP C 105 -8.57 4.79 -11.92
C ASP C 105 -8.91 3.32 -11.71
N GLY C 106 -9.19 2.97 -10.47
CA GLY C 106 -9.45 1.60 -10.13
C GLY C 106 -9.26 1.45 -8.65
N PRO C 107 -9.08 0.20 -8.20
CA PRO C 107 -9.14 -1.00 -9.04
C PRO C 107 -10.55 -1.55 -9.31
N TYR C 108 -10.64 -2.49 -10.25
CA TYR C 108 -11.90 -3.12 -10.64
C TYR C 108 -11.79 -4.63 -10.52
N GLY C 109 -12.73 -5.24 -9.75
CA GLY C 109 -12.55 -6.60 -9.28
C GLY C 109 -12.87 -7.65 -10.32
N THR C 110 -12.32 -8.84 -10.10
CA THR C 110 -12.47 -9.94 -11.03
C THR C 110 -12.68 -11.21 -10.22
N PRO C 111 -13.26 -12.23 -10.82
CA PRO C 111 -13.61 -13.44 -10.06
C PRO C 111 -12.39 -14.24 -9.67
N SER C 112 -11.23 -13.58 -9.65
CA SER C 112 -9.97 -14.23 -9.37
C SER C 112 -9.61 -14.19 -7.90
N THR C 113 -10.40 -13.51 -7.07
CA THR C 113 -10.18 -13.61 -5.64
C THR C 113 -10.78 -14.88 -5.06
N HIS C 114 -11.39 -15.72 -5.89
CA HIS C 114 -11.92 -16.99 -5.44
C HIS C 114 -11.01 -18.12 -5.86
N ILE C 115 -9.88 -17.81 -6.50
CA ILE C 115 -8.84 -18.79 -6.71
C ILE C 115 -8.04 -19.03 -5.45
N PHE C 116 -7.96 -18.04 -4.58
CA PHE C 116 -7.17 -18.17 -3.35
C PHE C 116 -7.91 -18.92 -2.26
N GLU C 117 -9.23 -19.10 -2.40
CA GLU C 117 -10.08 -19.81 -1.47
C GLU C 117 -10.41 -21.21 -1.91
N SER C 118 -9.93 -21.66 -3.05
CA SER C 118 -10.12 -23.07 -3.39
C SER C 118 -8.84 -23.85 -3.15
N LYS C 119 -9.01 -25.13 -2.81
CA LYS C 119 -7.93 -26.05 -2.44
C LYS C 119 -7.11 -26.48 -3.65
N TYR C 120 -7.78 -26.87 -4.71
CA TYR C 120 -7.15 -27.36 -5.92
C TYR C 120 -7.71 -26.55 -7.07
N ALA C 121 -6.85 -26.01 -7.90
CA ALA C 121 -7.32 -25.13 -8.95
C ALA C 121 -6.70 -25.53 -10.26
N ILE C 122 -7.52 -25.53 -11.30
CA ILE C 122 -7.05 -25.61 -12.66
C ILE C 122 -7.26 -24.24 -13.27
N LEU C 123 -6.18 -23.65 -13.74
CA LEU C 123 -6.17 -22.33 -14.34
C LEU C 123 -5.86 -22.53 -15.81
N ILE C 124 -6.76 -22.07 -16.68
CA ILE C 124 -6.60 -22.21 -18.12
C ILE C 124 -6.70 -20.84 -18.81
N CYS C 125 -5.64 -20.47 -19.53
CA CYS C 125 -5.64 -19.26 -20.34
C CYS C 125 -5.37 -19.68 -21.77
N ALA C 126 -6.35 -19.45 -22.64
CA ALA C 126 -6.29 -19.73 -24.07
C ALA C 126 -6.44 -18.41 -24.81
N GLY C 127 -5.31 -17.77 -25.09
CA GLY C 127 -5.32 -16.51 -25.78
C GLY C 127 -4.20 -15.67 -25.23
N ILE C 128 -4.41 -14.36 -25.21
CA ILE C 128 -3.38 -13.45 -24.72
C ILE C 128 -3.78 -12.78 -23.42
N GLY C 129 -4.96 -13.10 -22.89
CA GLY C 129 -5.39 -12.49 -21.67
C GLY C 129 -4.64 -13.07 -20.46
N VAL C 130 -3.29 -13.12 -20.55
CA VAL C 130 -2.48 -13.73 -19.51
C VAL C 130 -1.92 -12.73 -18.49
N THR C 131 -1.87 -11.44 -18.82
CA THR C 131 -1.46 -10.42 -17.85
C THR C 131 -2.13 -10.60 -16.49
N PRO C 132 -3.44 -10.90 -16.40
CA PRO C 132 -4.04 -11.14 -15.09
C PRO C 132 -3.50 -12.35 -14.37
N PHE C 133 -3.12 -13.39 -15.11
CA PHE C 133 -2.55 -14.59 -14.47
C PHE C 133 -1.17 -14.33 -13.88
N ALA C 134 -0.40 -13.42 -14.47
CA ALA C 134 0.89 -13.04 -13.90
C ALA C 134 0.74 -12.54 -12.47
N SER C 135 -0.13 -11.54 -12.27
CA SER C 135 -0.42 -11.03 -10.93
C SER C 135 -0.96 -12.14 -10.03
N ILE C 136 -1.78 -13.04 -10.56
CA ILE C 136 -2.32 -14.09 -9.71
C ILE C 136 -1.21 -15.01 -9.20
N LEU C 137 -0.45 -15.60 -10.14
CA LEU C 137 0.60 -16.55 -9.74
C LEU C 137 1.67 -15.93 -8.84
N LYS C 138 1.89 -14.62 -8.92
CA LYS C 138 2.92 -14.03 -8.09
C LYS C 138 2.46 -13.92 -6.67
N SER C 139 1.15 -13.69 -6.51
CA SER C 139 0.54 -13.62 -5.20
C SER C 139 0.42 -15.01 -4.58
N ILE C 140 0.25 -16.05 -5.40
CA ILE C 140 0.28 -17.40 -4.85
C ILE C 140 1.69 -17.83 -4.45
N LEU C 141 2.76 -17.26 -5.02
CA LEU C 141 4.07 -17.54 -4.48
C LEU C 141 4.22 -16.94 -3.08
N HIS C 142 4.03 -15.63 -2.95
CA HIS C 142 4.15 -15.01 -1.64
C HIS C 142 3.33 -15.77 -0.61
N ARG C 143 2.11 -16.16 -0.96
CA ARG C 143 1.23 -16.72 0.05
C ARG C 143 1.71 -18.10 0.52
N ASN C 144 2.41 -18.89 -0.32
CA ASN C 144 3.08 -20.07 0.23
C ASN C 144 4.26 -19.75 1.13
N GLN C 145 5.09 -18.78 0.76
CA GLN C 145 6.28 -18.55 1.55
C GLN C 145 5.91 -17.92 2.88
N GLN C 146 5.16 -16.82 2.86
CA GLN C 146 4.86 -16.12 4.10
C GLN C 146 4.06 -17.00 5.07
N ASN C 147 3.02 -17.70 4.57
CA ASN C 147 2.27 -18.59 5.48
C ASN C 147 1.44 -19.66 4.77
N PRO C 148 2.04 -20.80 4.42
CA PRO C 148 1.31 -21.74 3.57
C PRO C 148 0.07 -22.36 4.19
N ALA C 149 0.05 -22.66 5.50
CA ALA C 149 -1.16 -23.29 6.06
C ALA C 149 -2.36 -22.33 6.06
N LYS C 150 -2.12 -21.02 6.29
CA LYS C 150 -3.17 -19.99 6.30
C LYS C 150 -3.76 -19.74 4.91
N MET C 151 -3.38 -20.53 3.91
CA MET C 151 -3.90 -20.40 2.54
C MET C 151 -4.57 -21.69 2.12
N PRO C 152 -5.84 -21.66 1.75
CA PRO C 152 -6.53 -22.90 1.38
C PRO C 152 -6.06 -23.50 0.09
N LEU C 153 -5.33 -22.76 -0.74
CA LEU C 153 -4.97 -23.28 -2.05
C LEU C 153 -3.72 -24.14 -1.95
N LYS C 154 -3.89 -25.44 -2.29
CA LYS C 154 -2.99 -26.56 -2.03
C LYS C 154 -2.31 -27.15 -3.27
N LYS C 155 -2.76 -26.86 -4.48
CA LYS C 155 -2.15 -27.31 -5.72
C LYS C 155 -2.76 -26.55 -6.89
N VAL C 156 -1.93 -26.07 -7.81
CA VAL C 156 -2.35 -25.22 -8.93
C VAL C 156 -1.85 -25.80 -10.25
N HIS C 157 -2.78 -26.28 -11.07
CA HIS C 157 -2.48 -26.80 -12.40
C HIS C 157 -2.71 -25.65 -13.37
N PHE C 158 -1.63 -25.17 -13.98
CA PHE C 158 -1.70 -24.07 -14.93
C PHE C 158 -1.39 -24.60 -16.32
N TYR C 159 -2.20 -24.22 -17.29
CA TYR C 159 -1.99 -24.61 -18.68
C TYR C 159 -2.12 -23.36 -19.54
N TRP C 160 -1.10 -23.06 -20.35
CA TRP C 160 -1.12 -21.87 -21.22
C TRP C 160 -1.02 -22.26 -22.69
N LEU C 161 -2.00 -21.84 -23.47
CA LEU C 161 -2.12 -22.16 -24.88
C LEU C 161 -1.89 -20.86 -25.65
N ASN C 162 -0.80 -20.77 -26.40
CA ASN C 162 -0.56 -19.61 -27.24
C ASN C 162 -0.15 -20.08 -28.63
N ARG C 163 -0.42 -19.23 -29.64
CA ARG C 163 0.06 -19.51 -30.99
C ARG C 163 1.47 -18.99 -31.20
N GLU C 164 1.88 -17.99 -30.42
CA GLU C 164 3.24 -17.45 -30.48
C GLU C 164 3.51 -16.67 -29.20
N GLN C 165 4.79 -16.64 -28.78
CA GLN C 165 5.21 -16.06 -27.50
C GLN C 165 6.33 -15.02 -27.66
N LYS C 166 6.42 -14.35 -28.81
CA LYS C 166 7.39 -13.25 -28.93
C LYS C 166 6.99 -12.06 -28.07
N ALA C 167 5.68 -11.75 -28.00
CA ALA C 167 5.22 -10.65 -27.17
C ALA C 167 5.16 -11.01 -25.70
N PHE C 168 5.11 -12.31 -25.39
CA PHE C 168 4.99 -12.85 -24.03
C PHE C 168 6.25 -13.56 -23.54
N GLU C 169 7.43 -13.11 -23.97
CA GLU C 169 8.63 -13.73 -23.43
C GLU C 169 8.85 -13.33 -21.98
N TRP C 170 8.24 -12.22 -21.56
CA TRP C 170 8.31 -11.83 -20.17
C TRP C 170 7.45 -12.72 -19.28
N PHE C 171 6.35 -13.20 -19.83
CA PHE C 171 5.51 -14.14 -19.12
C PHE C 171 6.27 -15.43 -18.87
N VAL C 172 6.93 -15.95 -19.90
CA VAL C 172 7.67 -17.19 -19.75
C VAL C 172 8.73 -17.07 -18.65
N GLU C 173 9.61 -16.06 -18.71
CA GLU C 173 10.61 -15.94 -17.64
C GLU C 173 9.94 -15.87 -16.28
N LEU C 174 8.79 -15.22 -16.20
CA LEU C 174 8.05 -15.21 -14.95
C LEU C 174 7.63 -16.62 -14.53
N LEU C 175 7.22 -17.46 -15.47
CA LEU C 175 6.91 -18.82 -15.06
C LEU C 175 8.18 -19.53 -14.60
N SER C 176 9.30 -19.26 -15.28
CA SER C 176 10.57 -19.86 -14.88
C SER C 176 10.99 -19.40 -13.50
N LYS C 177 10.82 -18.10 -13.20
CA LYS C 177 11.05 -17.62 -11.85
C LYS C 177 10.18 -18.36 -10.82
N ILE C 178 8.90 -18.62 -11.15
CA ILE C 178 8.02 -19.22 -10.17
C ILE C 178 8.42 -20.67 -9.89
N GLU C 179 8.68 -21.44 -10.95
CA GLU C 179 9.07 -22.82 -10.72
C GLU C 179 10.26 -22.88 -9.78
N ALA C 180 11.20 -21.93 -9.94
CA ALA C 180 12.43 -21.92 -9.16
C ALA C 180 12.18 -21.60 -7.69
N GLU C 181 11.47 -20.50 -7.38
CA GLU C 181 11.16 -20.26 -5.98
C GLU C 181 10.01 -21.15 -5.46
N ASP C 182 9.41 -21.98 -6.32
CA ASP C 182 8.36 -22.92 -5.89
C ASP C 182 9.04 -24.08 -5.15
N THR C 183 9.13 -23.92 -3.84
CA THR C 183 9.75 -24.92 -2.99
C THR C 183 8.77 -26.02 -2.57
N ASN C 184 7.50 -25.67 -2.36
CA ASN C 184 6.54 -26.66 -1.92
C ASN C 184 5.97 -27.44 -3.07
N ASN C 185 6.44 -27.18 -4.29
CA ASN C 185 5.90 -27.81 -5.49
C ASN C 185 4.40 -27.60 -5.54
N LEU C 186 3.99 -26.38 -5.23
CA LEU C 186 2.61 -25.98 -5.31
C LEU C 186 2.15 -25.94 -6.77
N PHE C 187 3.04 -25.49 -7.66
CA PHE C 187 2.68 -25.21 -9.05
C PHE C 187 3.05 -26.36 -9.96
N ASP C 188 2.11 -26.71 -10.81
CA ASP C 188 2.32 -27.62 -11.92
C ASP C 188 2.06 -26.80 -13.18
N LEU C 189 3.14 -26.38 -13.83
CA LEU C 189 3.08 -25.48 -14.98
C LEU C 189 3.22 -26.23 -16.30
N ASN C 190 2.46 -25.79 -17.29
CA ASN C 190 2.45 -26.44 -18.58
C ASN C 190 2.28 -25.35 -19.63
N LEU C 191 3.06 -25.44 -20.70
CA LEU C 191 2.95 -24.54 -21.85
C LEU C 191 2.66 -25.35 -23.11
N TYR C 192 1.70 -24.86 -23.90
CA TYR C 192 1.30 -25.50 -25.15
C TYR C 192 1.38 -24.46 -26.26
N LEU C 193 2.10 -24.80 -27.34
CA LEU C 193 2.24 -23.94 -28.51
C LEU C 193 1.33 -24.37 -29.66
N THR C 194 0.37 -23.51 -30.01
CA THR C 194 -0.65 -23.74 -31.06
C THR C 194 -0.24 -23.33 -32.48
N SER C 228 12.83 -24.14 -20.84
CA SER C 228 11.52 -24.76 -21.02
C SER C 228 11.30 -25.46 -22.36
N ARG C 229 11.35 -26.79 -22.31
CA ARG C 229 10.86 -27.67 -23.37
C ARG C 229 9.34 -27.79 -23.20
N THR C 230 8.59 -27.00 -23.94
CA THR C 230 7.15 -26.97 -23.79
C THR C 230 6.49 -27.93 -24.79
N LYS C 231 5.17 -28.06 -24.69
CA LYS C 231 4.42 -29.02 -25.47
C LYS C 231 3.79 -28.34 -26.67
N THR C 232 3.39 -29.12 -27.67
CA THR C 232 2.81 -28.58 -28.90
C THR C 232 1.43 -29.16 -29.16
N GLY C 233 0.54 -28.31 -29.67
CA GLY C 233 -0.78 -28.76 -30.07
C GLY C 233 -1.79 -28.70 -28.96
N ARG C 234 -2.97 -29.19 -29.29
CA ARG C 234 -4.07 -29.17 -28.35
C ARG C 234 -3.81 -30.15 -27.22
N PRO C 235 -3.95 -29.75 -25.95
CA PRO C 235 -3.81 -30.72 -24.86
C PRO C 235 -4.89 -31.77 -25.00
N ASP C 236 -4.61 -32.95 -24.47
CA ASP C 236 -5.65 -33.98 -24.38
C ASP C 236 -6.43 -33.70 -23.09
N TRP C 237 -7.39 -32.78 -23.22
CA TRP C 237 -8.13 -32.26 -22.07
C TRP C 237 -8.86 -33.37 -21.31
N GLU C 238 -9.31 -34.43 -22.00
CA GLU C 238 -9.88 -35.55 -21.24
C GLU C 238 -8.80 -36.19 -20.38
N GLU C 239 -7.58 -36.37 -20.93
CA GLU C 239 -6.51 -36.96 -20.15
C GLU C 239 -5.97 -35.99 -19.12
N ILE C 240 -5.98 -34.70 -19.42
CA ILE C 240 -5.56 -33.73 -18.42
C ILE C 240 -6.52 -33.77 -17.25
N PHE C 241 -7.81 -33.74 -17.57
CA PHE C 241 -8.81 -33.71 -16.51
C PHE C 241 -8.87 -35.03 -15.76
N LYS C 242 -8.67 -36.17 -16.43
CA LYS C 242 -8.65 -37.44 -15.73
C LYS C 242 -7.47 -37.50 -14.79
N ASP C 243 -6.30 -37.05 -15.25
CA ASP C 243 -5.11 -36.99 -14.41
C ASP C 243 -5.37 -36.16 -13.17
N VAL C 244 -5.76 -34.89 -13.36
CA VAL C 244 -6.00 -34.00 -12.23
C VAL C 244 -7.04 -34.58 -11.29
N ALA C 245 -8.06 -35.25 -11.83
CA ALA C 245 -9.10 -35.85 -10.98
C ALA C 245 -8.54 -36.99 -10.14
N LYS C 246 -7.80 -37.90 -10.78
CA LYS C 246 -7.19 -38.97 -10.02
C LYS C 246 -6.25 -38.41 -8.98
N GLN C 247 -5.50 -37.36 -9.33
CA GLN C 247 -4.48 -36.82 -8.44
C GLN C 247 -5.09 -36.30 -7.16
N HIS C 248 -6.35 -35.87 -7.22
CA HIS C 248 -6.96 -35.09 -6.14
C HIS C 248 -8.25 -35.69 -5.60
N ALA C 249 -8.61 -36.90 -6.02
CA ALA C 249 -9.73 -37.58 -5.40
C ALA C 249 -9.46 -37.76 -3.91
N PRO C 250 -10.48 -37.63 -3.05
CA PRO C 250 -11.82 -37.28 -3.56
C PRO C 250 -12.17 -35.80 -3.39
N ASP C 251 -11.24 -34.97 -2.97
CA ASP C 251 -11.53 -33.55 -2.80
C ASP C 251 -11.91 -32.90 -4.12
N ASN C 252 -12.47 -31.70 -3.98
CA ASN C 252 -12.97 -30.96 -5.11
C ASN C 252 -11.93 -30.04 -5.75
N VAL C 253 -11.96 -29.98 -7.08
CA VAL C 253 -11.07 -29.17 -7.89
C VAL C 253 -11.89 -28.11 -8.60
N GLU C 254 -11.49 -26.84 -8.49
CA GLU C 254 -12.19 -25.74 -9.14
C GLU C 254 -11.49 -25.39 -10.44
N VAL C 255 -12.26 -25.24 -11.51
CA VAL C 255 -11.71 -24.82 -12.79
C VAL C 255 -11.98 -23.34 -12.97
N PHE C 256 -10.94 -22.60 -13.35
CA PHE C 256 -11.03 -21.21 -13.73
C PHE C 256 -10.54 -21.13 -15.16
N PHE C 257 -11.37 -20.57 -16.03
CA PHE C 257 -11.11 -20.58 -17.46
C PHE C 257 -11.09 -19.17 -18.00
N CYS C 258 -10.15 -18.95 -18.92
CA CYS C 258 -10.03 -17.66 -19.58
C CYS C 258 -9.66 -17.94 -21.03
N GLY C 259 -10.66 -17.95 -21.91
CA GLY C 259 -10.43 -18.25 -23.29
C GLY C 259 -11.70 -18.21 -24.11
N PRO C 260 -11.66 -18.76 -25.32
CA PRO C 260 -12.81 -18.66 -26.23
C PRO C 260 -13.89 -19.63 -25.77
N THR C 261 -15.13 -19.33 -26.20
CA THR C 261 -16.29 -20.12 -25.77
C THR C 261 -16.29 -21.53 -26.36
N GLY C 262 -15.76 -21.71 -27.57
CA GLY C 262 -15.69 -23.06 -28.12
C GLY C 262 -14.89 -23.97 -27.21
N LEU C 263 -13.76 -23.47 -26.69
CA LEU C 263 -13.03 -24.22 -25.69
C LEU C 263 -13.85 -24.32 -24.40
N ALA C 264 -14.43 -23.20 -23.97
CA ALA C 264 -15.11 -23.16 -22.67
C ALA C 264 -16.15 -24.27 -22.57
N LEU C 265 -16.95 -24.45 -23.63
CA LEU C 265 -18.01 -25.45 -23.60
C LEU C 265 -17.43 -26.84 -23.48
N GLN C 266 -16.35 -27.12 -24.22
CA GLN C 266 -15.71 -28.42 -24.10
C GLN C 266 -15.34 -28.69 -22.66
N LEU C 267 -14.65 -27.74 -22.03
CA LEU C 267 -14.24 -27.95 -20.65
C LEU C 267 -15.47 -28.11 -19.76
N ARG C 268 -16.60 -27.49 -20.13
CA ARG C 268 -17.76 -27.59 -19.28
C ARG C 268 -18.31 -29.01 -19.25
N HIS C 269 -18.12 -29.76 -20.33
CA HIS C 269 -18.50 -31.15 -20.26
C HIS C 269 -17.60 -31.90 -19.29
N LEU C 270 -16.30 -31.58 -19.31
CA LEU C 270 -15.34 -32.30 -18.50
C LEU C 270 -15.47 -31.93 -17.02
N CYS C 271 -15.91 -30.71 -16.73
CA CYS C 271 -16.20 -30.36 -15.34
C CYS C 271 -17.44 -31.07 -14.85
N THR C 272 -18.43 -31.22 -15.73
CA THR C 272 -19.63 -31.92 -15.34
C THR C 272 -19.40 -33.41 -15.39
N LYS C 273 -18.53 -33.89 -16.30
CA LYS C 273 -18.15 -35.30 -16.30
C LYS C 273 -17.32 -35.68 -15.07
N TYR C 274 -16.30 -34.87 -14.74
CA TYR C 274 -15.45 -35.20 -13.60
C TYR C 274 -15.88 -34.50 -12.31
N GLY C 275 -17.00 -33.79 -12.33
CA GLY C 275 -17.51 -33.13 -11.15
C GLY C 275 -16.50 -32.20 -10.53
N PHE C 276 -16.21 -31.13 -11.26
CA PHE C 276 -15.13 -30.21 -10.89
C PHE C 276 -15.72 -28.85 -10.44
N GLY C 277 -16.18 -28.04 -11.38
CA GLY C 277 -16.66 -26.73 -11.01
C GLY C 277 -16.07 -25.66 -11.87
N TYR C 278 -16.93 -24.81 -12.43
CA TYR C 278 -16.57 -24.00 -13.59
C TYR C 278 -16.99 -22.57 -13.35
N ARG C 279 -16.16 -21.63 -13.81
CA ARG C 279 -16.56 -20.24 -13.95
C ARG C 279 -15.70 -19.65 -15.07
N LYS C 280 -16.33 -18.90 -15.98
CA LYS C 280 -15.64 -18.24 -17.09
C LYS C 280 -15.26 -16.80 -16.75
N GLU C 281 -13.97 -16.56 -16.59
CA GLU C 281 -13.46 -15.22 -16.38
C GLU C 281 -13.16 -14.57 -17.73
N ASN C 282 -13.78 -13.44 -18.05
CA ASN C 282 -13.47 -12.72 -19.31
C ASN C 282 -13.45 -13.60 -20.59
N GLU D 3 -1.84 5.50 3.13
CA GLU D 3 -1.97 6.55 4.11
C GLU D 3 -3.36 6.55 4.85
N PRO D 4 -4.50 6.84 4.18
CA PRO D 4 -5.80 6.90 4.90
C PRO D 4 -6.24 5.50 5.32
N THR D 5 -6.46 5.28 6.62
CA THR D 5 -6.88 3.94 7.03
C THR D 5 -7.86 4.03 8.21
N PHE D 6 -8.12 2.86 8.82
CA PHE D 6 -9.16 2.76 9.83
C PHE D 6 -8.74 1.85 10.96
N VAL D 7 -9.27 2.13 12.15
CA VAL D 7 -9.18 1.25 13.31
C VAL D 7 -10.39 0.33 13.25
N VAL D 8 -10.14 -0.97 13.09
CA VAL D 8 -11.26 -1.90 12.88
C VAL D 8 -11.66 -2.70 14.13
N ASN D 9 -10.76 -2.90 15.08
CA ASN D 9 -11.11 -3.65 16.27
C ASN D 9 -10.16 -3.18 17.36
N ALA D 10 -10.52 -3.44 18.62
CA ALA D 10 -9.65 -3.00 19.69
C ALA D 10 -9.73 -3.95 20.88
N SER D 11 -8.70 -3.93 21.73
CA SER D 11 -8.67 -4.78 22.93
C SER D 11 -8.33 -3.94 24.16
N LEU D 12 -9.33 -3.68 25.00
CA LEU D 12 -9.12 -2.93 26.23
C LEU D 12 -8.34 -3.78 27.21
N LEU D 13 -7.04 -3.62 27.19
CA LEU D 13 -6.13 -4.37 28.05
C LEU D 13 -6.03 -3.65 29.38
N PRO D 14 -5.46 -4.28 30.38
CA PRO D 14 -5.43 -3.69 31.73
C PRO D 14 -4.60 -2.42 31.74
N SER D 15 -4.75 -1.68 32.83
CA SER D 15 -3.91 -0.51 33.04
C SER D 15 -4.07 0.50 31.89
N LYS D 16 -5.27 0.53 31.31
CA LYS D 16 -5.63 1.43 30.22
C LYS D 16 -4.82 1.15 28.94
N VAL D 17 -4.38 -0.07 28.72
CA VAL D 17 -3.65 -0.35 27.50
C VAL D 17 -4.69 -0.67 26.43
N LEU D 18 -4.51 -0.11 25.23
CA LEU D 18 -5.34 -0.41 24.06
C LEU D 18 -4.51 -1.19 23.06
N GLY D 19 -4.90 -2.42 22.78
CA GLY D 19 -4.39 -3.10 21.59
C GLY D 19 -5.28 -2.69 20.43
N LEU D 20 -4.67 -2.23 19.34
CA LEU D 20 -5.40 -1.70 18.20
C LEU D 20 -5.20 -2.58 16.97
N GLN D 21 -6.30 -2.83 16.29
CA GLN D 21 -6.36 -3.52 15.00
C GLN D 21 -6.48 -2.41 13.97
N VAL D 22 -5.56 -2.32 13.01
CA VAL D 22 -5.58 -1.22 12.05
C VAL D 22 -5.47 -1.76 10.63
N GLN D 23 -6.31 -1.26 9.73
CA GLN D 23 -6.23 -1.71 8.35
C GLN D 23 -4.87 -1.34 7.80
N ARG D 24 -4.17 -2.31 7.26
CA ARG D 24 -2.82 -2.10 6.77
C ARG D 24 -2.93 -1.79 5.29
N PRO D 25 -2.64 -0.57 4.87
CA PRO D 25 -2.60 -0.32 3.42
C PRO D 25 -1.66 -1.33 2.76
N GLN D 26 -2.09 -1.85 1.62
CA GLN D 26 -1.25 -2.81 0.93
C GLN D 26 0.06 -2.17 0.51
N SER D 27 0.08 -0.83 0.44
CA SER D 27 1.30 -0.09 0.14
C SER D 27 2.26 -0.03 1.30
N PHE D 28 1.83 -0.41 2.51
CA PHE D 28 2.57 -0.16 3.74
C PHE D 28 3.34 -1.42 4.14
N ASN D 29 4.56 -1.57 3.63
CA ASN D 29 5.39 -2.70 4.00
C ASN D 29 6.42 -2.21 4.99
N TYR D 30 6.51 -2.90 6.12
CA TYR D 30 7.35 -2.50 7.23
C TYR D 30 8.16 -3.70 7.66
N GLN D 31 9.15 -3.42 8.51
CA GLN D 31 10.06 -4.39 9.07
C GLN D 31 9.79 -4.56 10.56
N PRO D 32 10.13 -5.71 11.11
CA PRO D 32 9.84 -5.93 12.52
C PRO D 32 10.56 -4.90 13.37
N GLY D 33 9.81 -4.28 14.27
CA GLY D 33 10.38 -3.30 15.19
C GLY D 33 10.23 -1.87 14.75
N ASP D 34 9.70 -1.64 13.55
CA ASP D 34 9.53 -0.32 12.97
C ASP D 34 8.41 0.42 13.72
N TYR D 35 8.30 1.73 13.51
CA TYR D 35 7.29 2.51 14.20
C TYR D 35 6.51 3.39 13.21
N LEU D 36 5.53 4.07 13.75
CA LEU D 36 4.47 4.71 12.97
C LEU D 36 4.15 6.08 13.52
N PHE D 37 3.44 6.85 12.71
CA PHE D 37 2.83 8.07 13.20
C PHE D 37 1.35 7.96 12.89
N ILE D 38 0.50 8.18 13.87
CA ILE D 38 -0.92 8.06 13.64
C ILE D 38 -1.54 9.43 13.90
N LYS D 39 -2.59 9.75 13.15
CA LYS D 39 -3.47 10.89 13.41
C LYS D 39 -4.91 10.42 13.53
N CYS D 40 -5.59 10.81 14.62
CA CYS D 40 -7.02 10.52 14.71
C CYS D 40 -7.78 11.83 14.69
N PRO D 41 -8.42 12.16 13.56
CA PRO D 41 -9.19 13.41 13.49
C PRO D 41 -10.26 13.50 14.56
N GLY D 42 -10.89 12.39 14.92
CA GLY D 42 -11.89 12.43 15.97
C GLY D 42 -11.33 12.89 17.30
N ILE D 43 -10.04 12.67 17.53
CA ILE D 43 -9.38 13.14 18.75
C ILE D 43 -8.75 14.49 18.49
N SER D 44 -7.87 14.51 17.51
CA SER D 44 -7.19 15.75 17.17
C SER D 44 -6.87 15.72 15.69
N LYS D 45 -7.38 16.73 15.02
CA LYS D 45 -7.28 16.95 13.60
C LYS D 45 -5.89 17.46 13.21
N PHE D 46 -5.04 17.80 14.19
CA PHE D 46 -3.73 18.37 13.96
C PHE D 46 -2.55 17.50 14.38
N GLU D 47 -2.72 16.67 15.41
CA GLU D 47 -1.62 15.99 16.06
C GLU D 47 -1.27 14.65 15.41
N TRP D 48 0.02 14.38 15.29
CA TRP D 48 0.53 13.05 14.98
C TRP D 48 1.32 12.56 16.19
N HIS D 49 1.18 11.26 16.52
CA HIS D 49 1.78 10.65 17.70
C HIS D 49 2.48 9.34 17.32
N PRO D 50 3.71 9.09 17.78
CA PRO D 50 4.41 7.89 17.33
C PRO D 50 4.11 6.66 18.18
N PHE D 51 3.95 5.51 17.52
CA PHE D 51 3.72 4.27 18.25
C PHE D 51 4.41 3.16 17.49
N THR D 52 5.16 2.35 18.22
CA THR D 52 5.79 1.19 17.60
C THR D 52 4.75 0.21 17.06
N ILE D 53 5.00 -0.27 15.86
CA ILE D 53 4.15 -1.32 15.31
C ILE D 53 4.55 -2.62 15.97
N SER D 54 3.60 -3.23 16.70
CA SER D 54 3.83 -4.38 17.54
C SER D 54 3.46 -5.70 16.88
N SER D 55 3.28 -5.71 15.57
CA SER D 55 2.88 -6.91 14.85
C SER D 55 4.04 -7.36 13.97
N ALA D 56 3.99 -8.61 13.58
CA ALA D 56 4.99 -8.96 12.57
C ALA D 56 4.51 -8.50 11.19
N PRO D 57 5.40 -8.08 10.33
CA PRO D 57 5.02 -7.85 8.95
C PRO D 57 4.51 -9.11 8.27
N GLU D 58 4.60 -10.27 8.92
CA GLU D 58 4.03 -11.49 8.34
C GLU D 58 2.51 -11.57 8.55
N MET D 59 1.94 -10.75 9.43
CA MET D 59 0.49 -10.69 9.64
C MET D 59 -0.17 -10.04 8.45
N PRO D 60 -1.11 -10.71 7.81
CA PRO D 60 -1.64 -10.27 6.49
C PRO D 60 -2.04 -8.80 6.30
N ASP D 61 -3.24 -8.36 6.68
CA ASP D 61 -3.63 -7.01 6.29
C ASP D 61 -4.05 -6.16 7.48
N VAL D 62 -3.46 -6.41 8.66
CA VAL D 62 -3.72 -5.63 9.86
C VAL D 62 -2.42 -5.32 10.59
N LEU D 63 -2.34 -4.11 11.09
CA LEU D 63 -1.33 -3.67 12.02
C LEU D 63 -1.90 -3.64 13.42
N THR D 64 -1.10 -4.06 14.38
CA THR D 64 -1.47 -3.88 15.78
C THR D 64 -0.61 -2.79 16.38
N LEU D 65 -1.21 -2.00 17.25
CA LEU D 65 -0.54 -1.05 18.11
C LEU D 65 -0.99 -1.28 19.53
N HIS D 66 -0.10 -1.11 20.48
CA HIS D 66 -0.48 -1.22 21.88
C HIS D 66 -0.19 0.13 22.50
N ILE D 67 -1.24 0.88 22.77
CA ILE D 67 -1.16 2.22 23.29
C ILE D 67 -1.60 2.19 24.75
N ARG D 68 -0.82 2.79 25.64
CA ARG D 68 -1.24 3.00 27.02
C ARG D 68 -1.69 4.45 27.16
N ALA D 69 -2.77 4.66 27.90
CA ALA D 69 -3.32 6.00 28.14
C ALA D 69 -2.48 6.70 29.20
N VAL D 70 -1.60 7.59 28.74
CA VAL D 70 -0.69 8.28 29.63
C VAL D 70 -0.92 9.79 29.65
N GLY D 71 -1.77 10.30 28.79
CA GLY D 71 -2.08 11.69 28.89
C GLY D 71 -3.21 12.00 27.96
N SER D 72 -3.23 13.23 27.49
CA SER D 72 -4.37 13.77 26.76
C SER D 72 -4.77 12.89 25.60
N TRP D 73 -3.99 12.95 24.52
CA TRP D 73 -4.34 12.21 23.31
C TRP D 73 -4.54 10.73 23.56
N THR D 74 -3.65 10.09 24.32
CA THR D 74 -3.89 8.67 24.54
C THR D 74 -5.09 8.48 25.46
N GLY D 75 -5.30 9.41 26.39
CA GLY D 75 -6.43 9.22 27.28
C GLY D 75 -7.73 9.52 26.60
N LYS D 76 -7.70 10.33 25.55
CA LYS D 76 -8.88 10.54 24.74
C LYS D 76 -9.11 9.37 23.81
N LEU D 77 -8.03 8.72 23.38
CA LEU D 77 -8.20 7.55 22.54
C LEU D 77 -8.83 6.41 23.31
N TYR D 78 -8.43 6.22 24.57
CA TYR D 78 -9.06 5.20 25.39
C TYR D 78 -10.55 5.46 25.56
N GLN D 79 -10.92 6.68 25.96
CA GLN D 79 -12.34 6.96 26.18
C GLN D 79 -13.11 6.74 24.88
N LEU D 80 -12.71 7.40 23.78
CA LEU D 80 -13.37 7.19 22.50
C LEU D 80 -13.49 5.71 22.10
N ILE D 81 -12.41 4.94 22.25
CA ILE D 81 -12.48 3.53 21.87
C ILE D 81 -13.41 2.76 22.80
N ARG D 82 -13.19 2.89 24.12
CA ARG D 82 -14.10 2.27 25.09
C ARG D 82 -15.55 2.70 24.85
N GLU D 83 -15.79 4.00 24.67
CA GLU D 83 -17.17 4.46 24.54
C GLU D 83 -17.83 3.97 23.25
N GLN D 84 -17.12 3.99 22.12
CA GLN D 84 -17.70 3.46 20.89
C GLN D 84 -18.12 2.00 21.07
N ARG D 85 -17.35 1.20 21.83
CA ARG D 85 -17.69 -0.21 21.97
C ARG D 85 -18.76 -0.42 23.03
N GLU D 86 -18.66 0.26 24.17
CA GLU D 86 -19.68 0.17 25.21
C GLU D 86 -21.09 0.46 24.65
N GLU D 87 -21.19 1.23 23.56
CA GLU D 87 -22.49 1.43 22.91
C GLU D 87 -22.91 0.19 22.14
N TRP D 88 -22.00 -0.42 21.39
CA TRP D 88 -22.35 -1.66 20.71
C TRP D 88 -22.62 -2.85 21.63
N ILE D 89 -22.61 -2.65 22.96
CA ILE D 89 -23.10 -3.66 23.90
C ILE D 89 -24.36 -3.17 24.61
N ARG D 90 -24.40 -1.89 24.94
CA ARG D 90 -25.56 -1.37 25.56
C ARG D 90 -26.67 -1.51 24.57
N SER D 91 -26.33 -1.68 23.30
CA SER D 91 -27.33 -1.86 22.27
C SER D 91 -26.55 -2.39 21.17
N GLY D 92 -26.94 -2.09 19.97
CA GLY D 92 -26.10 -2.47 18.90
C GLY D 92 -26.33 -3.54 17.90
N PRO D 98 -17.92 0.38 12.56
CA PRO D 98 -16.87 -0.51 12.15
C PRO D 98 -15.66 0.27 11.76
N GLY D 99 -15.58 1.54 12.08
CA GLY D 99 -14.43 2.26 11.57
C GLY D 99 -14.05 3.55 12.18
N VAL D 100 -12.85 3.60 12.75
CA VAL D 100 -12.35 4.86 13.25
C VAL D 100 -11.30 5.42 12.26
N PRO D 101 -11.65 6.39 11.38
CA PRO D 101 -10.66 6.88 10.42
C PRO D 101 -9.43 7.43 11.12
N VAL D 102 -8.26 6.97 10.71
CA VAL D 102 -6.99 7.50 11.17
C VAL D 102 -6.10 7.63 9.95
N TYR D 103 -5.05 8.44 10.07
CA TYR D 103 -3.97 8.52 9.08
C TYR D 103 -2.68 7.97 9.69
N ILE D 104 -1.91 7.24 8.90
CA ILE D 104 -0.65 6.68 9.38
C ILE D 104 0.48 7.08 8.45
N ASP D 105 1.60 7.46 9.04
CA ASP D 105 2.78 7.88 8.30
C ASP D 105 3.98 7.03 8.65
N GLY D 106 4.51 6.36 7.66
CA GLY D 106 5.57 5.44 7.89
C GLY D 106 5.73 4.53 6.69
N PRO D 107 6.38 3.39 6.92
CA PRO D 107 6.98 3.05 8.21
C PRO D 107 8.37 3.67 8.44
N TYR D 108 8.84 3.66 9.68
CA TYR D 108 10.11 4.29 10.06
C TYR D 108 11.11 3.29 10.67
N GLY D 109 12.37 3.35 10.22
CA GLY D 109 13.32 2.29 10.48
C GLY D 109 14.05 2.31 11.84
N THR D 110 14.51 1.11 12.18
CA THR D 110 15.24 0.82 13.41
C THR D 110 16.36 -0.14 13.05
N PRO D 111 17.43 -0.19 13.85
CA PRO D 111 18.53 -1.12 13.53
C PRO D 111 18.14 -2.55 13.84
N SER D 112 16.85 -2.78 14.03
CA SER D 112 16.30 -4.05 14.49
C SER D 112 16.08 -5.01 13.36
N THR D 113 16.35 -4.57 12.14
CA THR D 113 16.35 -5.47 11.02
C THR D 113 17.69 -6.21 10.92
N HIS D 114 18.62 -5.94 11.85
CA HIS D 114 19.91 -6.61 11.84
C HIS D 114 19.97 -7.80 12.78
N ILE D 115 18.89 -8.08 13.51
CA ILE D 115 18.82 -9.29 14.30
C ILE D 115 18.67 -10.49 13.41
N PHE D 116 18.01 -10.30 12.28
CA PHE D 116 17.70 -11.40 11.40
C PHE D 116 18.89 -11.81 10.57
N GLU D 117 19.93 -10.98 10.54
CA GLU D 117 21.14 -11.21 9.77
C GLU D 117 22.30 -11.70 10.63
N SER D 118 22.12 -11.75 11.94
CA SER D 118 23.10 -12.31 12.85
C SER D 118 22.64 -13.69 13.28
N LYS D 119 23.60 -14.55 13.57
CA LYS D 119 23.36 -15.95 13.88
C LYS D 119 22.84 -16.12 15.31
N TYR D 120 23.52 -15.51 16.27
CA TYR D 120 23.27 -15.65 17.70
C TYR D 120 23.05 -14.28 18.31
N ALA D 121 21.95 -14.06 18.96
CA ALA D 121 21.64 -12.71 19.38
C ALA D 121 21.20 -12.65 20.83
N ILE D 122 21.70 -11.66 21.54
CA ILE D 122 21.26 -11.36 22.89
C ILE D 122 20.46 -10.08 22.82
N LEU D 123 19.20 -10.16 23.21
CA LEU D 123 18.28 -9.03 23.16
C LEU D 123 17.92 -8.63 24.58
N ILE D 124 18.23 -7.40 24.95
CA ILE D 124 18.07 -6.98 26.33
C ILE D 124 17.17 -5.76 26.34
N CYS D 125 16.06 -5.86 27.08
CA CYS D 125 15.15 -4.75 27.29
C CYS D 125 15.06 -4.50 28.77
N ALA D 126 15.53 -3.34 29.23
CA ALA D 126 15.45 -2.95 30.64
C ALA D 126 14.57 -1.70 30.73
N GLY D 127 13.28 -1.91 30.89
CA GLY D 127 12.37 -0.78 30.92
C GLY D 127 11.03 -1.09 30.29
N ILE D 128 10.47 -0.08 29.61
CA ILE D 128 9.15 -0.16 29.03
C ILE D 128 9.18 -0.06 27.51
N GLY D 129 10.35 0.01 26.90
CA GLY D 129 10.44 0.00 25.45
C GLY D 129 10.28 -1.40 24.89
N VAL D 130 9.26 -2.15 25.30
CA VAL D 130 9.17 -3.52 24.84
C VAL D 130 8.24 -3.69 23.67
N THR D 131 7.40 -2.70 23.38
CA THR D 131 6.50 -2.82 22.23
C THR D 131 7.21 -3.36 21.00
N PRO D 132 8.41 -2.87 20.64
CA PRO D 132 9.12 -3.45 19.47
C PRO D 132 9.54 -4.91 19.61
N PHE D 133 9.84 -5.38 20.81
CA PHE D 133 10.24 -6.78 20.97
C PHE D 133 9.10 -7.72 20.66
N ALA D 134 7.87 -7.26 20.90
CA ALA D 134 6.68 -7.98 20.47
C ALA D 134 6.70 -8.22 18.95
N SER D 135 6.91 -7.15 18.18
CA SER D 135 6.97 -7.23 16.71
C SER D 135 8.12 -8.10 16.23
N ILE D 136 9.26 -8.00 16.89
CA ILE D 136 10.43 -8.73 16.44
C ILE D 136 10.30 -10.21 16.74
N LEU D 137 10.04 -10.54 18.01
CA LEU D 137 10.02 -11.94 18.41
C LEU D 137 8.98 -12.72 17.65
N LYS D 138 7.90 -12.05 17.25
CA LYS D 138 6.82 -12.70 16.53
C LYS D 138 7.19 -13.00 15.09
N SER D 139 8.01 -12.14 14.49
CA SER D 139 8.50 -12.40 13.16
C SER D 139 9.58 -13.46 13.18
N ILE D 140 10.32 -13.56 14.29
CA ILE D 140 11.31 -14.62 14.38
C ILE D 140 10.66 -15.97 14.50
N LEU D 141 9.45 -16.04 15.08
CA LEU D 141 8.67 -17.27 15.05
C LEU D 141 8.23 -17.67 13.63
N HIS D 142 7.51 -16.80 12.91
CA HIS D 142 7.15 -17.12 11.53
C HIS D 142 8.30 -17.68 10.73
N ARG D 143 9.47 -17.06 10.82
CA ARG D 143 10.57 -17.42 9.96
C ARG D 143 11.20 -18.77 10.35
N ASN D 144 11.13 -19.16 11.63
CA ASN D 144 11.54 -20.52 11.98
C ASN D 144 10.56 -21.58 11.48
N GLN D 145 9.26 -21.30 11.55
CA GLN D 145 8.31 -22.26 10.98
C GLN D 145 8.41 -22.23 9.45
N GLN D 146 8.30 -21.01 8.86
CA GLN D 146 8.25 -20.85 7.41
C GLN D 146 9.44 -21.51 6.73
N ASN D 147 10.64 -21.20 7.20
CA ASN D 147 11.86 -21.76 6.64
C ASN D 147 13.03 -21.52 7.59
N PRO D 148 13.24 -22.40 8.58
CA PRO D 148 14.27 -22.12 9.57
C PRO D 148 15.70 -22.10 9.00
N ALA D 149 16.02 -22.94 7.99
CA ALA D 149 17.37 -22.95 7.44
C ALA D 149 17.67 -21.67 6.69
N LYS D 150 16.69 -21.12 5.97
CA LYS D 150 16.83 -19.88 5.19
C LYS D 150 17.02 -18.67 6.06
N MET D 151 17.16 -18.85 7.36
CA MET D 151 17.29 -17.75 8.29
C MET D 151 18.64 -17.83 8.98
N PRO D 152 19.46 -16.79 8.91
CA PRO D 152 20.77 -16.87 9.56
C PRO D 152 20.68 -16.84 11.07
N LEU D 153 19.54 -16.46 11.63
CA LEU D 153 19.39 -16.33 13.06
C LEU D 153 19.11 -17.72 13.66
N LYS D 154 20.00 -18.16 14.55
CA LYS D 154 20.06 -19.53 15.00
C LYS D 154 19.61 -19.73 16.45
N LYS D 155 19.67 -18.69 17.29
CA LYS D 155 19.31 -18.78 18.69
C LYS D 155 19.19 -17.38 19.24
N VAL D 156 18.19 -17.15 20.09
CA VAL D 156 17.91 -15.83 20.62
C VAL D 156 17.86 -15.88 22.14
N HIS D 157 18.70 -15.12 22.79
CA HIS D 157 18.65 -14.98 24.24
C HIS D 157 17.97 -13.66 24.55
N PHE D 158 16.74 -13.75 25.02
CA PHE D 158 15.93 -12.58 25.33
C PHE D 158 15.87 -12.40 26.85
N TYR D 159 16.11 -11.18 27.30
CA TYR D 159 16.10 -10.83 28.70
C TYR D 159 15.23 -9.60 28.86
N TRP D 160 14.19 -9.69 29.66
CA TRP D 160 13.32 -8.54 29.92
C TRP D 160 13.25 -8.25 31.43
N LEU D 161 13.67 -7.04 31.81
CA LEU D 161 13.82 -6.56 33.19
C LEU D 161 12.83 -5.43 33.46
N ASN D 162 11.79 -5.66 34.27
CA ASN D 162 10.85 -4.60 34.61
C ASN D 162 10.66 -4.56 36.12
N ARG D 163 10.19 -3.42 36.61
CA ARG D 163 9.85 -3.41 38.02
C ARG D 163 8.41 -3.90 38.30
N GLU D 164 7.45 -3.69 37.40
CA GLU D 164 6.08 -4.17 37.57
C GLU D 164 5.39 -4.15 36.22
N GLN D 165 4.50 -5.12 35.99
CA GLN D 165 4.04 -5.44 34.65
C GLN D 165 2.53 -5.41 34.46
N LYS D 166 1.80 -4.57 35.23
CA LYS D 166 0.35 -4.51 35.04
C LYS D 166 -0.01 -4.01 33.65
N ALA D 167 0.72 -3.01 33.15
CA ALA D 167 0.47 -2.51 31.80
C ALA D 167 0.96 -3.49 30.76
N PHE D 168 1.83 -4.42 31.16
CA PHE D 168 2.45 -5.38 30.26
C PHE D 168 2.01 -6.82 30.50
N GLU D 169 0.78 -7.03 30.94
CA GLU D 169 0.37 -8.42 30.99
C GLU D 169 0.16 -8.97 29.60
N TRP D 170 -0.05 -8.08 28.62
CA TRP D 170 -0.20 -8.59 27.28
C TRP D 170 1.11 -9.14 26.76
N PHE D 171 2.24 -8.50 27.13
CA PHE D 171 3.56 -8.99 26.75
C PHE D 171 3.89 -10.31 27.41
N VAL D 172 3.61 -10.44 28.71
CA VAL D 172 3.81 -11.74 29.38
C VAL D 172 3.08 -12.85 28.63
N GLU D 173 1.76 -12.71 28.42
CA GLU D 173 1.07 -13.75 27.66
C GLU D 173 1.68 -13.93 26.27
N LEU D 174 2.12 -12.85 25.65
CA LEU D 174 2.75 -13.02 24.36
C LEU D 174 3.97 -13.92 24.46
N LEU D 175 4.82 -13.66 25.45
CA LEU D 175 6.02 -14.47 25.64
C LEU D 175 5.66 -15.92 25.95
N SER D 176 4.59 -16.13 26.70
CA SER D 176 4.14 -17.50 26.91
C SER D 176 3.76 -18.13 25.59
N LYS D 177 2.98 -17.40 24.78
CA LYS D 177 2.58 -17.91 23.48
C LYS D 177 3.81 -18.30 22.66
N ILE D 178 4.87 -17.49 22.73
CA ILE D 178 6.05 -17.78 21.95
C ILE D 178 6.71 -19.06 22.45
N GLU D 179 6.82 -19.21 23.77
CA GLU D 179 7.39 -20.45 24.30
C GLU D 179 6.63 -21.63 23.78
N ALA D 180 5.30 -21.51 23.70
CA ALA D 180 4.49 -22.63 23.26
C ALA D 180 4.76 -22.96 21.79
N GLU D 181 4.69 -21.97 20.91
CA GLU D 181 4.94 -22.29 19.51
C GLU D 181 6.41 -22.37 19.16
N ASP D 182 7.30 -22.03 20.09
CA ASP D 182 8.71 -22.21 19.77
C ASP D 182 8.95 -23.71 19.85
N THR D 183 8.89 -24.37 18.70
CA THR D 183 9.13 -25.79 18.70
C THR D 183 10.61 -26.08 18.59
N ASN D 184 11.34 -25.27 17.85
CA ASN D 184 12.74 -25.53 17.60
C ASN D 184 13.65 -24.99 18.70
N ASN D 185 13.08 -24.48 19.80
CA ASN D 185 13.86 -23.86 20.87
C ASN D 185 14.76 -22.77 20.30
N LEU D 186 14.17 -21.93 19.45
CA LEU D 186 14.91 -20.78 18.96
C LEU D 186 15.12 -19.77 20.08
N PHE D 187 14.17 -19.65 21.01
CA PHE D 187 14.16 -18.59 22.02
C PHE D 187 14.62 -19.10 23.38
N ASP D 188 15.42 -18.28 24.02
CA ASP D 188 15.77 -18.41 25.43
C ASP D 188 15.20 -17.16 26.09
N LEU D 189 14.05 -17.33 26.72
CA LEU D 189 13.31 -16.22 27.28
C LEU D 189 13.58 -16.11 28.77
N ASN D 190 13.68 -14.88 29.27
CA ASN D 190 14.00 -14.66 30.67
C ASN D 190 13.32 -13.39 31.16
N LEU D 191 12.72 -13.47 32.34
CA LEU D 191 12.11 -12.32 32.99
C LEU D 191 12.76 -12.09 34.35
N TYR D 192 12.96 -10.81 34.66
CA TYR D 192 13.51 -10.42 35.94
C TYR D 192 12.59 -9.36 36.54
N LEU D 193 12.12 -9.62 37.77
CA LEU D 193 11.28 -8.66 38.47
C LEU D 193 12.17 -7.87 39.40
N THR D 194 12.37 -6.60 39.08
CA THR D 194 13.21 -5.68 39.86
C THR D 194 12.41 -4.87 40.87
N SER D 228 4.50 -18.58 33.90
CA SER D 228 5.90 -18.15 33.78
C SER D 228 6.55 -17.91 35.13
N ARG D 229 7.38 -18.88 35.53
CA ARG D 229 8.24 -18.76 36.70
C ARG D 229 9.44 -17.90 36.30
N THR D 230 9.37 -16.62 36.63
CA THR D 230 10.33 -15.60 36.25
C THR D 230 11.43 -15.44 37.32
N LYS D 231 12.42 -14.60 37.05
CA LYS D 231 13.52 -14.33 37.96
C LYS D 231 13.34 -13.03 38.73
N THR D 232 14.08 -12.88 39.85
CA THR D 232 14.00 -11.70 40.71
C THR D 232 15.37 -11.09 40.94
N GLY D 233 15.44 -9.76 40.92
CA GLY D 233 16.68 -9.06 41.17
C GLY D 233 17.53 -8.86 39.91
N ARG D 234 18.72 -8.27 40.11
CA ARG D 234 19.63 -7.97 39.01
C ARG D 234 20.24 -9.29 38.50
N PRO D 235 20.18 -9.57 37.20
CA PRO D 235 20.82 -10.79 36.71
C PRO D 235 22.33 -10.71 36.87
N ASP D 236 22.94 -11.87 37.11
CA ASP D 236 24.40 -11.95 37.13
C ASP D 236 24.82 -11.97 35.68
N TRP D 237 24.94 -10.77 35.12
CA TRP D 237 25.23 -10.62 33.71
C TRP D 237 26.55 -11.27 33.31
N GLU D 238 27.53 -11.24 34.20
CA GLU D 238 28.79 -11.88 33.85
C GLU D 238 28.64 -13.37 33.69
N GLU D 239 27.94 -14.03 34.60
CA GLU D 239 27.74 -15.47 34.43
C GLU D 239 26.78 -15.74 33.30
N ILE D 240 25.86 -14.81 33.03
CA ILE D 240 25.02 -14.92 31.85
C ILE D 240 25.85 -14.81 30.58
N PHE D 241 26.71 -13.79 30.51
CA PHE D 241 27.51 -13.62 29.30
C PHE D 241 28.56 -14.70 29.16
N LYS D 242 29.10 -15.20 30.27
CA LYS D 242 30.01 -16.33 30.16
C LYS D 242 29.29 -17.54 29.57
N ASP D 243 28.05 -17.77 30.00
CA ASP D 243 27.26 -18.88 29.51
C ASP D 243 27.17 -18.82 28.00
N VAL D 244 26.55 -17.76 27.50
CA VAL D 244 26.27 -17.59 26.08
C VAL D 244 27.53 -17.76 25.27
N ALA D 245 28.62 -17.20 25.79
CA ALA D 245 29.92 -17.32 25.17
C ALA D 245 30.37 -18.76 25.13
N LYS D 246 30.31 -19.45 26.28
CA LYS D 246 30.59 -20.87 26.23
C LYS D 246 29.66 -21.55 25.25
N GLN D 247 28.39 -21.11 25.21
CA GLN D 247 27.39 -21.79 24.40
C GLN D 247 27.69 -21.69 22.92
N HIS D 248 28.31 -20.61 22.47
CA HIS D 248 28.39 -20.25 21.05
C HIS D 248 29.79 -20.13 20.47
N ALA D 249 30.82 -20.52 21.21
CA ALA D 249 32.16 -20.53 20.67
C ALA D 249 32.22 -21.39 19.41
N PRO D 250 32.96 -20.95 18.36
CA PRO D 250 33.65 -19.65 18.35
C PRO D 250 32.93 -18.56 17.54
N ASP D 251 31.72 -18.81 17.02
CA ASP D 251 31.04 -17.84 16.18
C ASP D 251 30.75 -16.58 16.96
N ASN D 252 30.35 -15.55 16.25
CA ASN D 252 30.11 -14.25 16.85
C ASN D 252 28.67 -14.10 17.35
N VAL D 253 28.51 -13.46 18.50
CA VAL D 253 27.20 -13.18 19.08
C VAL D 253 27.02 -11.67 19.14
N GLU D 254 25.91 -11.18 18.63
CA GLU D 254 25.61 -9.76 18.64
C GLU D 254 24.60 -9.48 19.77
N VAL D 255 24.90 -8.48 20.58
CA VAL D 255 23.99 -8.02 21.61
C VAL D 255 23.29 -6.78 21.11
N PHE D 256 21.98 -6.75 21.26
CA PHE D 256 21.17 -5.59 20.95
C PHE D 256 20.59 -5.16 22.28
N PHE D 257 20.82 -3.93 22.65
CA PHE D 257 20.45 -3.48 23.98
C PHE D 257 19.49 -2.31 23.92
N CYS D 258 18.52 -2.32 24.84
CA CYS D 258 17.49 -1.31 24.99
C CYS D 258 17.27 -1.14 26.50
N GLY D 259 17.86 -0.11 27.07
CA GLY D 259 17.68 0.17 28.49
C GLY D 259 18.46 1.41 28.91
N PRO D 260 18.56 1.66 30.22
CA PRO D 260 19.14 2.92 30.66
C PRO D 260 20.64 2.90 30.41
N THR D 261 21.26 4.10 30.43
CA THR D 261 22.69 4.14 30.18
C THR D 261 23.50 3.52 31.33
N GLY D 262 23.02 3.59 32.58
CA GLY D 262 23.73 2.97 33.68
C GLY D 262 23.97 1.48 33.48
N LEU D 263 22.96 0.77 32.95
CA LEU D 263 23.14 -0.64 32.59
C LEU D 263 24.01 -0.82 31.34
N ALA D 264 23.88 0.09 30.35
CA ALA D 264 24.59 -0.04 29.07
C ALA D 264 26.11 -0.10 29.24
N LEU D 265 26.68 0.75 30.10
CA LEU D 265 28.14 0.80 30.28
C LEU D 265 28.66 -0.55 30.78
N GLN D 266 27.93 -1.18 31.72
CA GLN D 266 28.20 -2.53 32.21
C GLN D 266 28.15 -3.56 31.09
N LEU D 267 27.09 -3.54 30.29
CA LEU D 267 26.98 -4.53 29.24
C LEU D 267 28.03 -4.35 28.17
N ARG D 268 28.44 -3.08 27.94
CA ARG D 268 29.46 -2.82 26.92
C ARG D 268 30.81 -3.32 27.35
N HIS D 269 31.09 -3.28 28.66
CA HIS D 269 32.35 -3.86 29.08
C HIS D 269 32.37 -5.35 28.80
N LEU D 270 31.25 -6.03 29.05
CA LEU D 270 31.19 -7.48 28.87
C LEU D 270 31.21 -7.92 27.41
N CYS D 271 30.70 -7.07 26.48
CA CYS D 271 30.81 -7.42 25.07
C CYS D 271 32.23 -7.35 24.60
N THR D 272 32.98 -6.45 25.20
CA THR D 272 34.37 -6.41 24.83
C THR D 272 35.14 -7.54 25.51
N LYS D 273 34.73 -7.93 26.72
CA LYS D 273 35.38 -9.04 27.41
C LYS D 273 35.15 -10.34 26.67
N TYR D 274 33.92 -10.61 26.30
CA TYR D 274 33.57 -11.86 25.65
C TYR D 274 33.56 -11.72 24.13
N GLY D 275 34.04 -10.58 23.62
CA GLY D 275 34.11 -10.37 22.18
C GLY D 275 32.79 -10.57 21.50
N PHE D 276 31.83 -9.69 21.81
CA PHE D 276 30.49 -9.88 21.30
C PHE D 276 30.14 -8.87 20.23
N GLY D 277 29.80 -7.65 20.60
CA GLY D 277 29.35 -6.74 19.57
C GLY D 277 27.97 -6.22 19.91
N TYR D 278 27.84 -4.90 19.95
CA TYR D 278 26.87 -4.19 20.75
C TYR D 278 26.19 -3.11 19.94
N ARG D 279 24.89 -2.91 20.13
CA ARG D 279 24.30 -1.68 19.64
C ARG D 279 23.12 -1.35 20.52
N LYS D 280 23.00 -0.09 20.90
CA LYS D 280 21.91 0.42 21.73
C LYS D 280 20.80 1.06 20.89
N GLU D 281 19.66 0.40 20.81
CA GLU D 281 18.48 0.96 20.14
C GLU D 281 17.67 1.78 21.12
N ASN D 282 17.52 3.09 20.84
CA ASN D 282 16.80 4.12 21.64
C ASN D 282 17.79 5.14 22.23
PA FAD E . 29.30 7.03 27.02
O1A FAD E . 28.20 6.12 26.60
O2A FAD E . 30.36 6.39 27.99
O5B FAD E . 28.64 8.36 27.56
C5B FAD E . 27.21 8.50 27.66
C4B FAD E . 26.89 9.83 28.28
O4B FAD E . 26.01 9.63 29.41
C3B FAD E . 28.07 10.57 28.85
O3B FAD E . 27.70 11.95 28.88
C2B FAD E . 28.20 9.94 30.24
O2B FAD E . 28.90 10.74 31.19
C1B FAD E . 26.72 9.87 30.62
N9A FAD E . 26.32 8.87 31.61
C8A FAD E . 25.08 8.27 31.69
N7A FAD E . 24.93 7.43 32.68
C5A FAD E . 26.16 7.47 33.32
C6A FAD E . 26.66 6.80 34.46
N6A FAD E . 25.95 5.92 35.17
N1A FAD E . 27.93 7.08 34.85
C2A FAD E . 28.64 7.95 34.13
N3A FAD E . 28.29 8.64 33.05
C4A FAD E . 27.03 8.36 32.68
N1 FAD E . 26.40 12.15 19.48
C2 FAD E . 27.13 13.14 18.90
O2 FAD E . 28.17 13.54 19.41
N3 FAD E . 26.71 13.70 17.72
C4 FAD E . 25.58 13.36 17.01
O4 FAD E . 25.30 13.92 15.96
C4X FAD E . 24.81 12.30 17.63
N5 FAD E . 23.73 11.92 17.04
C5X FAD E . 22.98 10.92 17.65
C6 FAD E . 21.80 10.50 17.04
C7 FAD E . 21.02 9.50 17.61
C7M FAD E . 19.77 9.06 16.89
C8 FAD E . 21.43 8.90 18.83
C8M FAD E . 20.62 7.82 19.47
C9 FAD E . 22.59 9.32 19.44
C9A FAD E . 23.37 10.33 18.85
N10 FAD E . 24.56 10.79 19.46
C10 FAD E . 25.30 11.76 18.87
C1' FAD E . 25.04 10.20 20.72
C2' FAD E . 25.98 9.05 20.47
O2' FAD E . 25.30 7.98 19.82
C3' FAD E . 26.55 8.57 21.80
O3' FAD E . 27.00 9.71 22.51
C4' FAD E . 27.68 7.56 21.57
O4' FAD E . 27.27 6.26 21.99
C5' FAD E . 28.95 7.93 22.27
O5' FAD E . 28.90 7.47 23.63
P FAD E . 30.18 6.93 24.34
O1P FAD E . 30.19 5.41 24.45
O2P FAD E . 31.30 7.44 23.67
O3P FAD E . 30.07 7.56 25.74
CAB U4O F . 18.01 14.24 25.10
CAD U4O F . 20.29 13.18 25.48
CAE U4O F . 20.89 12.23 24.38
CAG U4O F . 21.41 14.55 23.41
CAH U4O F . 19.97 15.02 23.77
CAI U4O F . 22.05 12.46 22.19
CAK U4O F . 22.62 13.29 21.18
CAL U4O F . 23.84 13.99 21.37
CAM U4O F . 24.62 13.93 22.56
CAN U4O F . 26.11 14.11 22.28
CAO U4O F . 26.31 15.48 21.60
CAP U4O F . 25.50 15.54 20.45
CAQ U4O F . 25.72 16.28 19.30
CAR U4O F . 26.75 17.11 19.15
CAS U4O F . 27.10 18.09 19.98
CAT U4O F . 28.13 18.73 19.41
CAU U4O F . 28.42 18.22 18.21
CAW U4O F . 24.32 14.81 20.33
CAY U4O F . 22.51 14.29 18.95
CAZ U4O F . 21.86 14.45 17.71
CBA U4O F . 20.66 13.78 17.47
CBB U4O F . 20.13 12.95 18.47
CBC U4O F . 20.77 12.79 19.69
CBD U4O F . 21.97 13.46 19.95
CBE U4O F . 17.41 13.47 26.11
CBF U4O F . 16.26 12.69 25.85
CBG U4O F . 15.68 11.95 26.88
CBH U4O F . 16.22 11.98 28.17
CBI U4O F . 17.34 12.76 28.43
NAC U4O F . 19.36 14.16 24.85
NAF U4O F . 21.49 13.05 23.28
NAX U4O F . 23.66 14.94 19.17
NBJ U4O F . 17.92 13.51 27.37
OAA U4O F . 17.28 15.04 24.50
OAJ U4O F . 22.03 11.21 22.08
OAV U4O F . 27.53 17.18 17.97
PA FAD G . -23.98 -21.15 -23.70
O1A FAD G . -22.78 -20.70 -22.94
O2A FAD G . -24.05 -22.59 -24.21
O5B FAD G . -24.13 -20.11 -24.79
C5B FAD G . -23.21 -18.99 -24.88
C4B FAD G . -23.41 -18.31 -26.20
O4B FAD G . -22.31 -18.64 -27.10
C3B FAD G . -24.67 -18.73 -26.95
O3B FAD G . -25.02 -17.62 -27.78
C2B FAD G . -24.15 -19.90 -27.77
O2B FAD G . -24.95 -20.33 -28.86
C1B FAD G . -22.85 -19.27 -28.24
N9A FAD G . -21.88 -20.20 -28.79
C8A FAD G . -21.35 -21.32 -28.20
N7A FAD G . -20.51 -21.98 -28.96
C5A FAD G . -20.50 -21.25 -30.15
C6A FAD G . -19.82 -21.44 -31.36
N6A FAD G . -18.96 -22.45 -31.59
N1A FAD G . -20.05 -20.54 -32.35
C2A FAD G . -20.90 -19.52 -32.13
N3A FAD G . -21.59 -19.26 -31.02
C4A FAD G . -21.35 -20.17 -30.06
N1 FAD G . -26.51 -12.72 -19.85
C2 FAD G . -27.80 -12.34 -19.67
O2 FAD G . -28.74 -12.99 -20.15
N3 FAD G . -28.08 -11.20 -18.91
C4 FAD G . -27.14 -10.38 -18.31
O4 FAD G . -27.49 -9.39 -17.68
C4X FAD G . -25.78 -10.81 -18.51
N5 FAD G . -24.86 -10.09 -17.98
C5X FAD G . -23.55 -10.47 -18.17
C6 FAD G . -22.55 -9.70 -17.60
C7 FAD G . -21.21 -10.04 -17.75
C7M FAD G . -20.16 -9.17 -17.11
C8 FAD G . -20.86 -11.19 -18.50
C8M FAD G . -19.43 -11.59 -18.68
C9 FAD G . -21.86 -11.97 -19.07
C9A FAD G . -23.20 -11.62 -18.92
N10 FAD G . -24.26 -12.40 -19.46
C10 FAD G . -25.55 -11.99 -19.30
C1' FAD G . -23.97 -13.56 -20.31
C2' FAD G . -24.27 -14.91 -19.65
O2' FAD G . -23.32 -15.13 -18.61
C3' FAD G . -24.11 -16.00 -20.69
O3' FAD G . -25.30 -16.08 -21.46
C4' FAD G . -23.75 -17.40 -20.15
O4' FAD G . -22.76 -17.98 -20.99
C5' FAD G . -24.91 -18.37 -20.16
O5' FAD G . -24.79 -19.19 -21.33
P FAD G . -25.25 -20.71 -21.33
O1P FAD G . -24.26 -21.76 -20.80
O2P FAD G . -26.58 -20.99 -20.76
O3P FAD G . -25.28 -20.87 -22.86
CAB U4O H . -20.15 -8.66 -26.53
CAD U4O H . -20.95 -10.96 -26.00
CAE U4O H . -21.37 -11.64 -24.67
CAG U4O H . -23.26 -9.93 -24.92
CAH U4O H . -22.30 -8.82 -25.36
CAI U4O H . -22.96 -11.24 -22.91
CAK U4O H . -24.07 -10.50 -22.46
CAL U4O H . -25.41 -10.85 -22.76
CAM U4O H . -25.75 -11.98 -23.53
CAN U4O H . -27.06 -12.56 -23.02
CAO U4O H . -28.16 -11.53 -23.17
CAP U4O H . -27.80 -10.32 -22.56
CAQ U4O H . -28.76 -9.35 -22.20
CAR U4O H . -30.07 -9.62 -22.32
CAS U4O H . -30.80 -9.72 -23.42
CAT U4O H . -32.07 -9.97 -23.07
CAU U4O H . -32.21 -10.00 -21.74
CAW U4O H . -26.45 -10.01 -22.31
CAY U4O H . -24.90 -8.56 -21.29
CAZ U4O H . -24.65 -7.39 -20.55
CBA U4O H . -23.36 -7.02 -20.22
CBB U4O H . -22.29 -7.81 -20.66
CBC U4O H . -22.52 -8.96 -21.41
CBD U4O H . -23.83 -9.34 -21.73
CBE U4O H . -19.04 -9.27 -27.10
CBF U4O H . -17.84 -9.36 -26.40
CBG U4O H . -16.74 -9.98 -26.98
CBH U4O H . -16.86 -10.50 -28.27
CBI U4O H . -18.08 -10.40 -28.95
NAC U4O H . -21.08 -9.45 -25.97
NAF U4O H . -22.54 -10.95 -24.13
NAX U4O H . -26.17 -8.91 -21.59
NBJ U4O H . -19.18 -9.78 -28.35
OAA U4O H . -20.24 -7.43 -26.53
OAJ U4O H . -22.34 -12.06 -22.27
OAV U4O H . -30.96 -9.78 -21.18
PA FAD I . -7.05 1.08 -30.89
O1A FAD I . -8.13 1.33 -29.91
O2A FAD I . -6.99 1.71 -32.29
O5B FAD I . -7.22 -0.44 -31.11
C5B FAD I . -6.10 -1.28 -31.46
C4B FAD I . -6.56 -2.71 -31.43
O4B FAD I . -7.84 -2.78 -32.08
C3B FAD I . -5.67 -3.65 -32.24
O3B FAD I . -5.84 -5.02 -31.85
C2B FAD I . -6.18 -3.38 -33.66
O2B FAD I . -5.79 -4.41 -34.57
C1B FAD I . -7.69 -3.33 -33.39
N9A FAD I . -8.49 -2.57 -34.36
C8A FAD I . -8.75 -1.22 -34.35
N7A FAD I . -9.52 -0.82 -35.34
C5A FAD I . -9.80 -1.98 -36.04
C6A FAD I . -10.56 -2.25 -37.19
N6A FAD I . -11.22 -1.31 -37.88
N1A FAD I . -10.62 -3.53 -37.62
C2A FAD I . -9.97 -4.47 -36.95
N3A FAD I . -9.22 -4.35 -35.85
C4A FAD I . -9.17 -3.07 -35.44
N1 FAD I . -3.82 -4.27 -23.38
C2 FAD I . -2.51 -4.53 -23.14
O2 FAD I . -1.66 -4.27 -24.00
N3 FAD I . -2.12 -5.14 -21.97
C4 FAD I . -2.94 -5.49 -20.93
O4 FAD I . -2.48 -6.01 -19.92
C4X FAD I . -4.33 -5.18 -21.18
N5 FAD I . -5.19 -5.48 -20.27
C5X FAD I . -6.53 -5.21 -20.52
C6 FAD I . -7.48 -5.53 -19.54
C7 FAD I . -8.83 -5.26 -19.73
C7M FAD I . -9.81 -5.62 -18.65
C8 FAD I . -9.26 -4.66 -20.94
C8M FAD I . -10.70 -4.35 -21.18
C9 FAD I . -8.32 -4.34 -21.91
C9A FAD I . -6.96 -4.61 -21.70
N10 FAD I . -5.99 -4.27 -22.67
C10 FAD I . -4.66 -4.57 -22.44
C1' FAD I . -6.37 -3.68 -23.96
C2' FAD I . -6.06 -2.19 -24.05
O2' FAD I . -6.87 -1.45 -23.12
C3' FAD I . -6.32 -1.73 -25.48
O3' FAD I . -5.53 -2.55 -26.33
C4' FAD I . -6.04 -0.23 -25.73
O4' FAD I . -6.61 0.55 -24.69
C5' FAD I . -6.56 0.30 -27.05
O5' FAD I . -5.44 0.62 -27.89
P FAD I . -5.39 1.90 -28.77
O1P FAD I . -6.43 2.99 -28.47
O2P FAD I . -4.06 2.41 -28.66
O3P FAD I . -5.64 1.33 -30.22
CAB U4O J . -10.40 -11.51 -26.76
CAD U4O J . -9.36 -9.46 -27.69
CAE U4O J . -8.90 -8.19 -26.99
CAG U4O J . -7.11 -9.79 -26.06
CAH U4O J . -8.18 -10.87 -25.83
CAI U4O J . -7.40 -7.46 -25.23
CAK U4O J . -6.35 -7.70 -24.33
CAL U4O J . -5.00 -7.52 -24.75
CAM U4O J . -4.67 -7.09 -26.07
CAN U4O J . -3.41 -6.22 -26.04
CAO U4O J . -2.25 -7.08 -25.47
CAP U4O J . -2.61 -7.65 -24.23
CAQ U4O J . -1.70 -8.19 -23.30
CAR U4O J . -0.37 -8.13 -23.43
CAS U4O J . 0.33 -8.83 -24.33
CAT U4O J . 1.62 -8.57 -24.12
CAU U4O J . 1.75 -7.75 -23.08
CAW U4O J . -3.97 -7.80 -23.85
CAY U4O J . -5.52 -8.39 -22.15
CAZ U4O J . -5.75 -8.81 -20.83
CBA U4O J . -7.04 -9.00 -20.33
CBB U4O J . -8.11 -8.77 -21.18
CBC U4O J . -7.90 -8.34 -22.49
CBD U4O J . -6.60 -8.14 -23.01
CBE U4O J . -11.45 -11.18 -27.64
CBF U4O J . -12.57 -10.51 -27.14
CBG U4O J . -13.59 -10.14 -28.02
CBH U4O J . -13.54 -10.45 -29.38
CBI U4O J . -12.43 -11.13 -29.87
NAC U4O J . -9.35 -10.65 -26.74
NAF U4O J . -7.78 -8.46 -26.06
NAX U4O J . -4.26 -8.22 -22.60
NBJ U4O J . -11.39 -11.49 -28.96
OAA U4O J . -10.47 -12.50 -26.02
OAJ U4O J . -8.02 -6.38 -25.27
OAV U4O J . 0.49 -7.46 -22.60
PA FAD K . 1.06 13.50 27.09
O1A FAD K . 1.87 14.11 26.00
O2A FAD K . 0.07 14.32 27.91
O5B FAD K . 2.10 12.85 27.99
C5B FAD K . 3.05 11.90 27.48
C4B FAD K . 4.05 11.60 28.56
O4B FAD K . 4.65 12.82 29.05
C3B FAD K . 3.45 10.87 29.78
O3B FAD K . 4.20 9.70 30.05
C2B FAD K . 3.61 11.90 30.91
O2B FAD K . 3.92 11.18 32.11
C1B FAD K . 4.87 12.63 30.44
N9A FAD K . 5.17 13.91 31.08
C8A FAD K . 5.21 15.16 30.50
N7A FAD K . 5.57 16.12 31.32
C5A FAD K . 5.79 15.47 32.52
C6A FAD K . 6.17 15.93 33.81
N6A FAD K . 6.44 17.22 34.08
N1A FAD K . 6.29 15.01 34.81
C2A FAD K . 6.03 13.72 34.54
N3A FAD K . 5.67 13.18 33.37
C4A FAD K . 5.56 14.10 32.40
N1 FAD K . 3.63 4.99 23.43
C2 FAD K . 2.83 3.94 23.68
O2 FAD K . 1.94 4.06 24.50
N3 FAD K . 3.01 2.74 23.00
C4 FAD K . 3.97 2.50 22.04
O4 FAD K . 4.01 1.39 21.50
C4X FAD K . 4.83 3.65 21.80
N5 FAD K . 5.79 3.54 20.91
C5X FAD K . 6.60 4.64 20.69
C6 FAD K . 7.62 4.56 19.76
C7 FAD K . 8.44 5.66 19.50
C7M FAD K . 9.53 5.53 18.46
C8 FAD K . 8.24 6.87 20.19
C8M FAD K . 9.10 8.06 19.93
C9 FAD K . 7.22 6.96 21.12
C9A FAD K . 6.41 5.86 21.38
N10 FAD K . 5.37 5.93 22.31
C10 FAD K . 4.57 4.86 22.55
C1' FAD K . 5.12 7.17 23.04
C2' FAD K . 3.87 7.88 22.55
O2' FAD K . 4.11 8.49 21.30
C3' FAD K . 3.41 8.91 23.58
O3' FAD K . 2.70 8.23 24.60
C4' FAD K . 2.58 10.04 22.98
O4' FAD K . 3.20 11.27 23.33
C5' FAD K . 1.17 10.12 23.52
O5' FAD K . 1.19 10.95 24.69
P FAD K . -0.05 11.83 25.09
O1P FAD K . -0.01 13.08 24.21
O2P FAD K . -1.31 11.14 25.04
O3P FAD K . 0.27 12.24 26.55
CAB U4O L . 12.28 6.22 28.08
CAD U4O L . 10.10 7.42 28.24
CAE U4O L . 9.00 7.63 27.18
CAG U4O L . 8.87 5.08 27.46
CAH U4O L . 10.35 4.92 27.50
CAI U4O L . 7.63 6.14 25.73
CAK U4O L . 7.21 4.84 25.39
CAL U4O L . 6.13 4.23 26.05
CAM U4O L . 5.46 4.91 27.07
CAN U4O L . 4.05 4.54 27.01
CAO U4O L . 3.90 3.07 27.21
CAP U4O L . 4.67 2.33 26.31
CAQ U4O L . 4.38 0.96 26.01
CAR U4O L . 3.26 0.33 26.49
CAS U4O L . 3.00 -0.07 27.74
CAT U4O L . 1.80 -0.67 27.79
CAU U4O L . 1.27 -0.67 26.57
CAW U4O L . 5.74 2.94 25.70
CAY U4O L . 7.44 2.81 24.06
CAZ U4O L . 8.07 2.06 23.07
CBA U4O L . 9.14 2.60 22.37
CBB U4O L . 9.57 3.89 22.68
CBC U4O L . 8.95 4.65 23.68
CBD U4O L . 7.87 4.09 24.39
CBE U4O L . 12.88 7.40 28.49
CBF U4O L . 13.41 8.25 27.50
CBG U4O L . 14.00 9.44 27.86
CBH U4O L . 14.06 9.80 29.22
CBI U4O L . 13.52 8.94 30.18
NAC U4O L . 10.95 6.21 27.95
NAF U4O L . 8.47 6.30 26.75
NAX U4O L . 6.39 2.28 24.72
NBJ U4O L . 12.91 7.73 29.80
OAA U4O L . 12.98 5.22 27.84
OAJ U4O L . 7.27 7.13 25.09
OAV U4O L . 2.19 -0.05 25.67
#